data_5UMU
#
_entry.id   5UMU
#
_cell.length_a   50.221
_cell.length_b   99.819
_cell.length_c   120.314
_cell.angle_alpha   90.00
_cell.angle_beta   90.00
_cell.angle_gamma   90.00
#
_symmetry.space_group_name_H-M   'P 21 21 21'
#
loop_
_entity.id
_entity.type
_entity.pdbx_description
1 polymer 'FACT complex subunit SPT16'
2 non-polymer 'FORMIC ACID'
3 non-polymer 'ACETATE ION'
4 water water
#
_entity_poly.entity_id   1
_entity_poly.type   'polypeptide(L)'
_entity_poly.pdbx_seq_one_letter_code
;GA(MSE)GSDSLVINLNRSNPKLKDLYIRPNIAQKR(MSE)QGSLEAHVNGFRFTSVRGDKVDILYNNIKHALFQPCDGE
(MSE)IIVLHFHLKNAI(MSE)FGKKRHTDVQFYTEVGEITTDLGKHQH(MSE)HDRDDLYAEQ(MSE)ERE(MSE)RHK
LKTAFKNFIEKVEALTKEELEFEVPFRDLGFNGAPYRSTCLLQPTSSALVNATEWPPFVVTLDEVELIHFERVQFHLKNF
D(MSE)VIVYKDYSKKVT(MSE)INAIPVASLDPIKEWLNSCDLKYTEGVQSLNWTKI(MSE)KTIVDDPEGFFEQGGWS
FLE
;
_entity_poly.pdbx_strand_id   A,B
#
loop_
_chem_comp.id
_chem_comp.type
_chem_comp.name
_chem_comp.formula
ACT non-polymer 'ACETATE ION' 'C2 H3 O2 -1'
FMT non-polymer 'FORMIC ACID' 'C H2 O2'
#
# COMPACT_ATOMS: atom_id res chain seq x y z
N ASP A 6 -27.06 -14.20 22.97
CA ASP A 6 -28.46 -13.90 22.74
C ASP A 6 -28.69 -13.55 21.28
N SER A 7 -29.96 -13.41 20.89
CA SER A 7 -30.33 -13.07 19.52
C SER A 7 -30.64 -11.59 19.40
N LEU A 8 -30.67 -11.11 18.16
CA LEU A 8 -30.93 -9.70 17.89
C LEU A 8 -32.37 -9.36 18.19
N VAL A 9 -32.59 -8.24 18.88
CA VAL A 9 -33.91 -7.75 19.21
C VAL A 9 -34.22 -6.55 18.33
N ILE A 10 -35.35 -6.61 17.65
CA ILE A 10 -35.73 -5.61 16.65
C ILE A 10 -37.06 -5.00 17.08
N ASN A 11 -37.14 -3.67 17.04
CA ASN A 11 -38.39 -2.95 17.23
C ASN A 11 -38.77 -2.37 15.87
N LEU A 12 -39.76 -2.99 15.23
CA LEU A 12 -40.16 -2.61 13.88
C LEU A 12 -40.91 -1.28 13.84
N ASN A 13 -41.40 -0.79 14.97
CA ASN A 13 -42.12 0.47 15.05
C ASN A 13 -41.20 1.64 15.34
N ARG A 14 -39.91 1.40 15.51
CA ARG A 14 -38.92 2.43 15.79
C ARG A 14 -38.25 2.85 14.49
N SER A 15 -37.86 4.13 14.43
CA SER A 15 -36.95 4.60 13.40
C SER A 15 -35.52 4.21 13.81
N ASN A 16 -34.94 3.25 13.10
CA ASN A 16 -33.62 2.74 13.45
C ASN A 16 -32.54 3.39 12.59
N PRO A 17 -31.42 3.82 13.18
CA PRO A 17 -30.32 4.34 12.36
C PRO A 17 -29.91 3.34 11.29
N LYS A 18 -29.64 3.86 10.09
CA LYS A 18 -29.36 3.01 8.94
C LYS A 18 -28.28 3.66 8.10
N LEU A 19 -27.30 2.88 7.67
CA LEU A 19 -26.25 3.32 6.76
C LEU A 19 -26.31 2.44 5.53
N LYS A 20 -26.44 3.07 4.35
CA LYS A 20 -26.65 2.36 3.10
C LYS A 20 -25.36 2.28 2.28
N ASP A 21 -25.41 1.45 1.24
CA ASP A 21 -24.35 1.39 0.23
C ASP A 21 -23.02 0.98 0.86
N LEU A 22 -23.05 -0.06 1.68
CA LEU A 22 -21.87 -0.59 2.36
C LEU A 22 -21.52 -1.96 1.80
N TYR A 23 -20.24 -2.17 1.52
CA TYR A 23 -19.71 -3.51 1.30
C TYR A 23 -19.34 -4.14 2.63
N ILE A 24 -19.68 -5.41 2.79
CA ILE A 24 -19.23 -6.17 3.95
C ILE A 24 -17.92 -6.85 3.61
N ARG A 25 -17.01 -6.87 4.58
CA ARG A 25 -15.80 -7.65 4.48
C ARG A 25 -15.67 -8.35 5.83
N PRO A 26 -15.43 -9.68 5.86
CA PRO A 26 -15.20 -10.60 4.75
C PRO A 26 -16.49 -10.94 3.98
N ASN A 27 -16.33 -11.60 2.83
CA ASN A 27 -17.45 -11.86 1.93
C ASN A 27 -18.45 -12.81 2.57
N ILE A 28 -19.72 -12.61 2.22
CA ILE A 28 -20.78 -13.57 2.52
C ILE A 28 -20.90 -14.60 1.41
N ALA A 29 -20.81 -14.13 0.17
CA ALA A 29 -20.97 -14.94 -1.02
C ALA A 29 -19.62 -15.05 -1.73
N GLN A 30 -19.65 -15.56 -2.95
CA GLN A 30 -18.42 -15.77 -3.71
C GLN A 30 -17.73 -14.44 -4.00
N LYS A 31 -18.50 -13.42 -4.37
CA LYS A 31 -17.95 -12.11 -4.67
C LYS A 31 -18.49 -11.08 -3.68
N ARG A 32 -17.87 -9.91 -3.68
CA ARG A 32 -18.23 -8.89 -2.69
C ARG A 32 -19.66 -8.40 -2.92
N MSE A 33 -20.30 -8.02 -1.84
CA MSE A 33 -21.72 -7.74 -1.87
C MSE A 33 -22.07 -6.53 -1.00
O MSE A 33 -21.56 -6.39 0.11
CB MSE A 33 -22.49 -8.97 -1.39
CG MSE A 33 -23.96 -8.97 -1.72
SE MSE A 33 -24.66 -10.78 -1.70
CE MSE A 33 -24.07 -11.34 0.06
H MSE A 33 -19.94 -7.90 -1.07
HA MSE A 33 -21.99 -7.56 -2.77
HB2 MSE A 33 -22.10 -9.76 -1.81
HB3 MSE A 33 -22.40 -9.05 -0.43
HG2 MSE A 33 -24.43 -8.45 -1.04
HG3 MSE A 33 -24.10 -8.59 -2.60
HE1 MSE A 33 -24.36 -12.25 0.22
HE2 MSE A 33 -23.10 -11.29 0.11
HE3 MSE A 33 -24.47 -10.76 0.74
N GLN A 34 -22.92 -5.66 -1.54
CA GLN A 34 -23.36 -4.47 -0.81
C GLN A 34 -24.56 -4.80 0.06
N GLY A 35 -24.86 -3.88 0.97
CA GLY A 35 -26.06 -3.96 1.76
C GLY A 35 -26.20 -2.74 2.63
N SER A 36 -27.10 -2.84 3.61
CA SER A 36 -27.37 -1.76 4.54
C SER A 36 -27.13 -2.25 5.96
N LEU A 37 -26.59 -1.35 6.79
CA LEU A 37 -26.32 -1.62 8.19
C LEU A 37 -27.32 -0.85 9.03
N GLU A 38 -28.08 -1.56 9.85
CA GLU A 38 -29.10 -0.96 10.70
C GLU A 38 -28.76 -1.23 12.15
N ALA A 39 -28.94 -0.21 13.00
CA ALA A 39 -28.71 -0.33 14.43
C ALA A 39 -30.04 -0.58 15.12
N HIS A 40 -30.16 -1.72 15.77
CA HIS A 40 -31.39 -2.17 16.40
C HIS A 40 -31.27 -2.06 17.92
N VAL A 41 -32.21 -2.68 18.64
CA VAL A 41 -32.29 -2.50 20.08
C VAL A 41 -30.99 -2.93 20.75
N ASN A 42 -30.47 -4.11 20.39
CA ASN A 42 -29.32 -4.68 21.08
C ASN A 42 -28.19 -5.10 20.16
N GLY A 43 -28.20 -4.65 18.91
CA GLY A 43 -27.12 -5.00 18.00
C GLY A 43 -27.41 -4.45 16.62
N PHE A 44 -26.43 -4.67 15.73
CA PHE A 44 -26.55 -4.32 14.33
C PHE A 44 -27.06 -5.51 13.52
N ARG A 45 -27.75 -5.20 12.42
CA ARG A 45 -27.99 -6.16 11.36
C ARG A 45 -27.54 -5.56 10.04
N PHE A 46 -26.67 -6.28 9.33
CA PHE A 46 -26.35 -6.00 7.95
C PHE A 46 -27.22 -6.89 7.08
N THR A 47 -28.00 -6.28 6.17
CA THR A 47 -28.79 -7.00 5.19
C THR A 47 -28.19 -6.74 3.82
N SER A 48 -27.73 -7.80 3.16
CA SER A 48 -27.18 -7.67 1.82
C SER A 48 -28.32 -7.42 0.82
N VAL A 49 -27.93 -7.00 -0.38
CA VAL A 49 -28.90 -6.85 -1.47
C VAL A 49 -29.54 -8.19 -1.81
N ARG A 50 -28.90 -9.28 -1.46
CA ARG A 50 -29.44 -10.62 -1.67
C ARG A 50 -30.26 -11.12 -0.49
N GLY A 51 -30.45 -10.28 0.54
CA GLY A 51 -31.26 -10.67 1.67
C GLY A 51 -30.53 -11.46 2.74
N ASP A 52 -29.21 -11.61 2.62
CA ASP A 52 -28.44 -12.25 3.68
C ASP A 52 -28.37 -11.33 4.88
N LYS A 53 -28.43 -11.92 6.08
CA LYS A 53 -28.44 -11.16 7.31
C LYS A 53 -27.23 -11.56 8.16
N VAL A 54 -26.48 -10.56 8.60
CA VAL A 54 -25.38 -10.75 9.55
C VAL A 54 -25.68 -9.89 10.77
N ASP A 55 -25.79 -10.52 11.93
CA ASP A 55 -26.11 -9.83 13.17
C ASP A 55 -24.87 -9.71 14.05
N ILE A 56 -24.68 -8.54 14.64
CA ILE A 56 -23.57 -8.27 15.55
C ILE A 56 -24.16 -7.63 16.80
N LEU A 57 -24.20 -8.37 17.90
CA LEU A 57 -24.72 -7.83 19.14
C LEU A 57 -23.74 -6.80 19.72
N TYR A 58 -24.30 -5.72 20.29
CA TYR A 58 -23.45 -4.69 20.87
C TYR A 58 -22.53 -5.27 21.93
N ASN A 59 -23.03 -6.18 22.76
CA ASN A 59 -22.21 -6.73 23.83
C ASN A 59 -21.21 -7.77 23.34
N ASN A 60 -21.12 -8.00 22.03
CA ASN A 60 -20.11 -8.87 21.47
C ASN A 60 -19.00 -8.09 20.76
N ILE A 61 -19.03 -6.77 20.85
CA ILE A 61 -18.06 -5.92 20.17
C ILE A 61 -16.95 -5.58 21.15
N LYS A 62 -15.72 -6.00 20.80
CA LYS A 62 -14.56 -5.70 21.62
C LYS A 62 -14.03 -4.30 21.30
N HIS A 63 -13.87 -4.00 20.02
CA HIS A 63 -13.50 -2.67 19.56
C HIS A 63 -14.39 -2.30 18.38
N ALA A 64 -14.92 -1.09 18.41
CA ALA A 64 -15.62 -0.50 17.28
C ALA A 64 -14.73 0.63 16.75
N LEU A 65 -14.31 0.50 15.51
CA LEU A 65 -13.39 1.45 14.90
C LEU A 65 -14.09 2.20 13.78
N PHE A 66 -13.83 3.50 13.71
CA PHE A 66 -14.25 4.34 12.59
C PHE A 66 -12.99 4.83 11.91
N GLN A 67 -12.77 4.38 10.67
CA GLN A 67 -11.67 4.86 9.84
C GLN A 67 -12.22 5.85 8.84
N PRO A 68 -12.06 7.16 9.04
CA PRO A 68 -12.52 8.13 8.04
C PRO A 68 -11.69 7.99 6.77
N CYS A 69 -12.22 8.57 5.69
CA CYS A 69 -11.54 8.52 4.39
C CYS A 69 -10.42 9.55 4.27
N ASP A 70 -10.03 10.20 5.36
CA ASP A 70 -8.92 11.15 5.33
C ASP A 70 -7.62 10.42 4.99
N GLY A 71 -7.00 10.80 3.88
CA GLY A 71 -5.79 10.12 3.44
C GLY A 71 -6.01 8.68 3.05
N GLU A 72 -7.25 8.29 2.79
CA GLU A 72 -7.61 6.91 2.44
C GLU A 72 -8.57 6.95 1.26
N MSE A 73 -8.72 5.80 0.60
CA MSE A 73 -9.63 5.68 -0.54
C MSE A 73 -10.98 5.04 -0.15
O MSE A 73 -11.86 4.90 -1.01
CB MSE A 73 -8.98 4.85 -1.65
CG MSE A 73 -7.76 5.50 -2.30
SE MSE A 73 -8.11 7.25 -3.09
CE MSE A 73 -9.45 6.74 -4.42
H MSE A 73 -8.30 5.07 0.79
HA MSE A 73 -9.80 6.56 -0.89
HB2 MSE A 73 -8.70 3.99 -1.28
HB3 MSE A 73 -9.63 4.70 -2.35
HG2 MSE A 73 -7.07 5.61 -1.61
HG3 MSE A 73 -7.43 4.91 -3.00
HE1 MSE A 73 -9.73 7.54 -4.89
HE2 MSE A 73 -9.06 6.10 -5.03
HE3 MSE A 73 -10.21 6.36 -3.95
N ILE A 74 -11.14 4.66 1.11
CA ILE A 74 -12.39 4.12 1.62
C ILE A 74 -12.65 4.68 3.02
N ILE A 75 -13.91 4.59 3.43
CA ILE A 75 -14.34 4.92 4.78
C ILE A 75 -14.96 3.67 5.39
N VAL A 76 -14.62 3.36 6.65
CA VAL A 76 -14.84 2.03 7.20
C VAL A 76 -15.41 2.12 8.61
N LEU A 77 -16.39 1.25 8.90
CA LEU A 77 -16.75 0.88 10.26
C LEU A 77 -16.29 -0.56 10.45
N HIS A 78 -15.44 -0.78 11.46
CA HIS A 78 -14.81 -2.08 11.67
C HIS A 78 -15.12 -2.56 13.09
N PHE A 79 -15.61 -3.80 13.20
CA PHE A 79 -15.95 -4.40 14.48
C PHE A 79 -15.03 -5.58 14.75
N HIS A 80 -14.22 -5.45 15.80
CA HIS A 80 -13.43 -6.55 16.34
C HIS A 80 -14.24 -7.18 17.48
N LEU A 81 -14.49 -8.48 17.37
CA LEU A 81 -15.51 -9.12 18.19
C LEU A 81 -14.89 -9.83 19.39
N LYS A 82 -15.71 -9.99 20.43
CA LYS A 82 -15.29 -10.78 21.60
C LYS A 82 -15.35 -12.27 21.28
N ASN A 83 -16.44 -12.72 20.68
CA ASN A 83 -16.63 -14.10 20.28
C ASN A 83 -16.86 -14.15 18.77
N ALA A 84 -16.10 -14.99 18.08
CA ALA A 84 -16.24 -15.13 16.65
C ALA A 84 -17.67 -15.48 16.29
N ILE A 85 -18.12 -14.99 15.13
CA ILE A 85 -19.43 -15.35 14.60
C ILE A 85 -19.23 -16.09 13.29
N MSE A 86 -20.26 -16.84 12.91
CA MSE A 86 -20.19 -17.69 11.71
C MSE A 86 -21.05 -17.15 10.57
O MSE A 86 -22.27 -17.02 10.71
CB MSE A 86 -20.64 -19.12 12.05
CG MSE A 86 -20.08 -20.19 11.12
SE MSE A 86 -20.85 -20.16 9.33
CE MSE A 86 -20.26 -21.90 8.70
H MSE A 86 -21.01 -16.88 13.32
HA MSE A 86 -19.26 -17.74 11.42
HB2 MSE A 86 -20.35 -19.32 12.95
HB3 MSE A 86 -21.61 -19.15 11.99
HG2 MSE A 86 -19.13 -20.07 11.03
HG3 MSE A 86 -20.26 -21.06 11.51
HE1 MSE A 86 -20.58 -22.03 7.79
HE2 MSE A 86 -19.29 -21.93 8.72
HE3 MSE A 86 -20.63 -22.59 9.29
N PHE A 87 -20.40 -16.85 9.46
CA PHE A 87 -21.10 -16.51 8.23
C PHE A 87 -20.10 -16.65 7.08
N GLY A 88 -20.64 -16.73 5.87
CA GLY A 88 -19.79 -17.00 4.72
C GLY A 88 -19.04 -18.31 4.86
N LYS A 89 -19.62 -19.28 5.57
CA LYS A 89 -19.04 -20.60 5.76
C LYS A 89 -17.76 -20.57 6.60
N LYS A 90 -17.63 -19.59 7.51
CA LYS A 90 -16.40 -19.47 8.31
C LYS A 90 -16.68 -18.80 9.65
N ARG A 91 -15.72 -18.92 10.56
CA ARG A 91 -15.70 -18.20 11.83
C ARG A 91 -14.89 -16.92 11.65
N HIS A 92 -15.41 -15.80 12.17
CA HIS A 92 -14.78 -14.51 11.97
C HIS A 92 -14.76 -13.71 13.27
N THR A 93 -13.58 -13.18 13.60
CA THR A 93 -13.41 -12.26 14.71
C THR A 93 -13.49 -10.80 14.29
N ASP A 94 -13.41 -10.52 12.99
CA ASP A 94 -13.44 -9.16 12.48
C ASP A 94 -14.46 -9.09 11.35
N VAL A 95 -15.32 -8.08 11.41
CA VAL A 95 -16.32 -7.82 10.39
C VAL A 95 -16.35 -6.31 10.20
N GLN A 96 -16.35 -5.86 8.95
CA GLN A 96 -16.31 -4.43 8.68
C GLN A 96 -17.25 -4.10 7.53
N PHE A 97 -17.53 -2.80 7.41
CA PHE A 97 -18.43 -2.29 6.39
C PHE A 97 -17.82 -1.01 5.85
N TYR A 98 -17.70 -0.90 4.53
CA TYR A 98 -16.96 0.21 3.94
C TYR A 98 -17.67 0.71 2.70
N THR A 99 -17.41 1.97 2.39
CA THR A 99 -17.77 2.59 1.13
C THR A 99 -16.51 3.11 0.47
N GLU A 100 -16.41 2.92 -0.85
CA GLU A 100 -15.29 3.46 -1.59
C GLU A 100 -15.57 4.92 -1.97
N VAL A 101 -14.52 5.74 -1.90
CA VAL A 101 -14.64 7.12 -2.36
C VAL A 101 -14.83 7.13 -3.87
N GLY A 102 -15.75 7.97 -4.33
CA GLY A 102 -16.14 8.02 -5.73
C GLY A 102 -14.98 8.20 -6.68
N GLU A 103 -15.24 8.05 -7.97
CA GLU A 103 -14.22 8.22 -9.00
C GLU A 103 -13.88 9.70 -9.18
N GLN A 124 -14.15 18.18 -5.87
CA GLN A 124 -14.21 17.86 -7.29
C GLN A 124 -14.93 16.54 -7.51
N MSE A 125 -16.06 16.36 -6.83
CA MSE A 125 -16.86 15.15 -6.89
C MSE A 125 -16.23 14.02 -6.06
O MSE A 125 -16.85 13.00 -5.79
CB MSE A 125 -17.07 14.69 -8.34
CG MSE A 125 -17.57 15.80 -9.27
SE MSE A 125 -19.28 16.55 -8.74
CE MSE A 125 -18.67 18.27 -8.03
H MSE A 125 -16.40 16.96 -6.31
HA MSE A 125 -17.74 15.33 -6.51
HB2 MSE A 125 -16.23 14.36 -8.69
HB3 MSE A 125 -17.73 13.98 -8.36
HG2 MSE A 125 -16.91 16.52 -9.27
HG3 MSE A 125 -17.66 15.43 -10.16
HE1 MSE A 125 -19.44 18.77 -7.72
HE2 MSE A 125 -18.06 18.10 -7.30
HE3 MSE A 125 -18.22 18.76 -8.74
N GLU A 126 -14.97 14.24 -5.66
CA GLU A 126 -14.29 13.45 -4.65
C GLU A 126 -14.17 14.20 -3.33
N ARG A 127 -13.84 15.49 -3.40
CA ARG A 127 -13.80 16.32 -2.19
C ARG A 127 -15.19 16.43 -1.57
N GLU A 128 -16.22 16.62 -2.41
CA GLU A 128 -17.58 16.70 -1.91
C GLU A 128 -18.04 15.37 -1.35
N MSE A 129 -17.72 14.29 -2.05
CA MSE A 129 -18.10 12.95 -1.67
C MSE A 129 -17.51 12.56 -0.31
O MSE A 129 -18.20 12.01 0.54
CB MSE A 129 -17.63 11.99 -2.77
CG MSE A 129 -17.82 10.51 -2.48
SE MSE A 129 -19.67 9.93 -2.55
CE MSE A 129 -19.30 8.12 -3.16
H MSE A 129 -17.26 14.32 -2.78
HA MSE A 129 -19.07 12.89 -1.62
HB2 MSE A 129 -18.11 12.19 -3.57
HB3 MSE A 129 -16.68 12.13 -2.90
HG2 MSE A 129 -17.32 10.01 -3.14
HG3 MSE A 129 -17.47 10.32 -1.60
HE1 MSE A 129 -20.14 7.63 -3.26
HE2 MSE A 129 -18.84 8.16 -4.02
HE3 MSE A 129 -18.74 7.67 -2.50
N ARG A 130 -16.22 12.88 -0.12
CA ARG A 130 -15.59 12.59 1.16
C ARG A 130 -16.29 13.28 2.31
N HIS A 131 -16.62 14.56 2.14
CA HIS A 131 -17.40 15.26 3.15
C HIS A 131 -18.75 14.59 3.36
N LYS A 132 -19.42 14.26 2.25
CA LYS A 132 -20.72 13.59 2.33
C LYS A 132 -20.61 12.29 3.12
N LEU A 133 -19.60 11.46 2.80
CA LEU A 133 -19.47 10.17 3.47
C LEU A 133 -19.11 10.33 4.94
N LYS A 134 -18.17 11.23 5.25
CA LYS A 134 -17.81 11.45 6.64
C LYS A 134 -19.02 11.90 7.46
N THR A 135 -19.81 12.83 6.92
CA THR A 135 -21.00 13.31 7.62
C THR A 135 -21.98 12.16 7.88
N ALA A 136 -22.22 11.32 6.87
CA ALA A 136 -23.17 10.24 7.03
C ALA A 136 -22.70 9.22 8.07
N PHE A 137 -21.42 8.84 8.01
CA PHE A 137 -20.88 7.89 8.98
C PHE A 137 -20.91 8.48 10.38
N LYS A 138 -20.45 9.73 10.53
CA LYS A 138 -20.45 10.37 11.84
C LYS A 138 -21.86 10.47 12.41
N ASN A 139 -22.83 10.86 11.57
CA ASN A 139 -24.21 10.98 12.06
C ASN A 139 -24.76 9.62 12.50
N PHE A 140 -24.45 8.57 11.73
CA PHE A 140 -24.84 7.22 12.13
C PHE A 140 -24.23 6.87 13.49
N ILE A 141 -22.93 7.09 13.64
CA ILE A 141 -22.23 6.76 14.88
C ILE A 141 -22.87 7.49 16.06
N GLU A 142 -23.16 8.78 15.90
CA GLU A 142 -23.75 9.54 17.00
C GLU A 142 -25.10 8.96 17.42
N LYS A 143 -25.95 8.64 16.44
CA LYS A 143 -27.25 8.05 16.76
C LYS A 143 -27.08 6.70 17.45
N VAL A 144 -26.18 5.87 16.94
CA VAL A 144 -25.94 4.56 17.53
C VAL A 144 -25.48 4.70 18.98
N GLU A 145 -24.48 5.54 19.21
CA GLU A 145 -23.95 5.69 20.55
C GLU A 145 -24.99 6.21 21.53
N ALA A 146 -26.08 6.82 21.04
N ALA A 146 -26.07 6.82 21.03
CA ALA A 146 -27.17 7.24 21.91
CA ALA A 146 -27.08 7.38 21.93
C ALA A 146 -28.20 6.14 22.12
C ALA A 146 -28.08 6.33 22.38
N LEU A 147 -28.20 5.09 21.29
N LEU A 147 -28.50 5.44 21.49
CA LEU A 147 -29.15 4.00 21.44
CA LEU A 147 -29.46 4.39 21.85
C LEU A 147 -28.78 3.01 22.53
C LEU A 147 -28.81 3.25 22.62
N THR A 148 -27.50 2.94 22.89
N THR A 148 -27.51 3.31 22.86
CA THR A 148 -26.94 1.75 23.49
CA THR A 148 -26.80 2.32 23.66
C THR A 148 -27.02 1.78 25.00
C THR A 148 -25.57 3.01 24.28
N LYS A 149 -27.59 0.72 25.57
N LYS A 149 -25.82 4.07 25.04
CA LYS A 149 -27.35 0.41 26.97
CA LYS A 149 -24.75 4.91 25.54
C LYS A 149 -25.86 0.15 27.20
C LYS A 149 -23.87 4.13 26.52
N GLU A 150 -25.24 -0.60 26.29
N GLU A 150 -22.56 4.21 26.31
CA GLU A 150 -23.83 -0.91 26.39
CA GLU A 150 -21.52 3.63 27.17
C GLU A 150 -23.00 0.35 26.20
C GLU A 150 -21.25 2.16 26.82
N GLU A 151 -21.82 0.36 26.82
N GLU A 151 -22.26 1.45 26.31
CA GLU A 151 -20.91 1.49 26.68
CA GLU A 151 -22.02 0.07 25.90
C GLU A 151 -20.15 1.37 25.36
C GLU A 151 -21.20 -0.04 24.62
N LEU A 152 -20.90 1.18 24.28
N LEU A 152 -21.01 1.06 23.90
CA LEU A 152 -20.32 1.11 22.94
CA LEU A 152 -20.39 0.99 22.59
C LEU A 152 -19.80 2.47 22.53
C LEU A 152 -19.87 2.38 22.22
N GLU A 153 -18.55 2.52 22.06
CA GLU A 153 -17.94 3.76 21.64
C GLU A 153 -17.00 3.50 20.47
N PHE A 154 -17.20 4.24 19.38
CA PHE A 154 -16.35 4.10 18.21
C PHE A 154 -15.03 4.83 18.43
N GLU A 155 -13.93 4.17 18.11
CA GLU A 155 -12.60 4.75 18.26
C GLU A 155 -12.08 5.16 16.88
N VAL A 156 -11.57 6.38 16.79
CA VAL A 156 -10.98 6.90 15.57
C VAL A 156 -9.46 6.88 15.72
N PRO A 157 -8.70 6.34 14.76
CA PRO A 157 -7.25 6.23 14.95
C PRO A 157 -6.56 7.58 15.03
N PHE A 158 -5.41 7.55 15.69
CA PHE A 158 -4.54 8.72 15.84
C PHE A 158 -3.55 8.70 14.69
N ARG A 159 -3.94 9.35 13.59
CA ARG A 159 -3.15 9.23 12.36
C ARG A 159 -1.75 9.79 12.53
N ASP A 160 -1.60 10.85 13.33
CA ASP A 160 -0.31 11.47 13.56
C ASP A 160 0.67 10.51 14.25
N LEU A 161 0.18 9.44 14.86
CA LEU A 161 1.03 8.47 15.54
C LEU A 161 1.23 7.20 14.73
N GLY A 162 0.75 7.18 13.49
CA GLY A 162 0.87 6.00 12.68
C GLY A 162 2.30 5.77 12.20
N PHE A 163 2.58 4.53 11.86
CA PHE A 163 3.85 4.15 11.28
C PHE A 163 3.60 3.05 10.27
N ASN A 164 4.58 2.85 9.41
CA ASN A 164 4.46 1.93 8.29
C ASN A 164 5.30 0.68 8.55
N GLY A 165 4.70 -0.47 8.26
CA GLY A 165 5.38 -1.75 8.37
C GLY A 165 4.53 -2.81 7.72
N ALA A 166 5.06 -4.03 7.67
CA ALA A 166 4.42 -5.14 6.98
C ALA A 166 4.07 -6.24 7.97
N PRO A 167 2.84 -6.26 8.50
CA PRO A 167 2.43 -7.41 9.33
C PRO A 167 2.20 -8.66 8.51
N TYR A 168 1.79 -8.51 7.25
CA TYR A 168 1.55 -9.66 6.39
C TYR A 168 2.51 -9.64 5.21
N ARG A 169 2.05 -9.25 4.02
CA ARG A 169 2.92 -9.27 2.84
C ARG A 169 3.53 -7.91 2.51
N SER A 170 2.72 -6.86 2.51
CA SER A 170 3.14 -5.57 2.00
C SER A 170 3.11 -4.54 3.12
N THR A 171 3.81 -3.43 2.88
CA THR A 171 3.83 -2.34 3.84
C THR A 171 2.45 -1.69 3.92
N CYS A 172 1.97 -1.46 5.14
CA CYS A 172 0.73 -0.73 5.34
C CYS A 172 0.90 0.24 6.50
N LEU A 173 -0.12 1.06 6.72
CA LEU A 173 -0.13 2.05 7.80
C LEU A 173 -0.78 1.43 9.03
N LEU A 174 -0.03 1.39 10.13
CA LEU A 174 -0.55 0.97 11.43
C LEU A 174 -0.79 2.21 12.26
N GLN A 175 -1.98 2.30 12.86
CA GLN A 175 -2.36 3.49 13.62
C GLN A 175 -2.79 3.11 15.02
N PRO A 176 -2.29 3.77 16.06
CA PRO A 176 -2.85 3.60 17.39
C PRO A 176 -4.25 4.19 17.50
N THR A 177 -5.07 3.55 18.32
CA THR A 177 -6.29 4.11 18.85
C THR A 177 -6.14 4.20 20.36
N SER A 178 -7.19 4.63 21.06
CA SER A 178 -7.08 4.70 22.52
C SER A 178 -6.85 3.31 23.12
N SER A 179 -7.38 2.26 22.48
CA SER A 179 -7.33 0.91 23.04
C SER A 179 -6.58 -0.09 22.18
N ALA A 180 -6.16 0.25 20.97
CA ALA A 180 -5.67 -0.75 20.04
C ALA A 180 -4.65 -0.17 19.08
N LEU A 181 -4.00 -1.06 18.35
CA LEU A 181 -3.15 -0.72 17.21
C LEU A 181 -3.76 -1.40 16.01
N VAL A 182 -4.11 -0.62 14.98
CA VAL A 182 -5.04 -1.13 13.97
C VAL A 182 -4.61 -0.77 12.55
N ASN A 183 -5.06 -1.63 11.62
CA ASN A 183 -5.23 -1.26 10.22
C ASN A 183 -6.53 -1.90 9.76
N ALA A 184 -7.46 -1.08 9.29
CA ALA A 184 -8.75 -1.56 8.82
C ALA A 184 -8.98 -1.33 7.33
N THR A 185 -8.06 -0.68 6.63
CA THR A 185 -8.25 -0.41 5.22
C THR A 185 -7.80 -1.56 4.34
N GLU A 186 -6.87 -2.38 4.80
CA GLU A 186 -6.42 -3.55 4.08
C GLU A 186 -7.04 -4.81 4.70
N TRP A 187 -7.14 -5.85 3.89
CA TRP A 187 -7.74 -7.10 4.34
C TRP A 187 -6.79 -8.24 3.99
N PRO A 188 -6.45 -9.13 4.94
CA PRO A 188 -6.92 -9.18 6.33
C PRO A 188 -6.57 -7.94 7.16
N PRO A 189 -7.38 -7.63 8.16
CA PRO A 189 -7.16 -6.45 8.98
C PRO A 189 -6.07 -6.73 10.01
N PHE A 190 -5.74 -5.70 10.77
CA PHE A 190 -4.75 -5.80 11.84
C PHE A 190 -5.36 -5.14 13.06
N VAL A 191 -5.54 -5.91 14.14
CA VAL A 191 -6.05 -5.38 15.40
C VAL A 191 -5.28 -6.02 16.55
N VAL A 192 -4.62 -5.21 17.36
CA VAL A 192 -3.96 -5.64 18.59
C VAL A 192 -4.53 -4.80 19.73
N THR A 193 -5.07 -5.48 20.73
CA THR A 193 -5.58 -4.81 21.93
C THR A 193 -4.41 -4.50 22.84
N LEU A 194 -4.21 -3.21 23.15
CA LEU A 194 -3.00 -2.80 23.86
C LEU A 194 -2.93 -3.40 25.25
N ASP A 195 -4.09 -3.53 25.92
CA ASP A 195 -4.14 -4.10 27.27
C ASP A 195 -3.75 -5.57 27.31
N GLU A 196 -3.68 -6.25 26.18
CA GLU A 196 -3.32 -7.65 26.14
C GLU A 196 -1.85 -7.88 25.83
N VAL A 197 -1.08 -6.81 25.66
CA VAL A 197 0.31 -6.92 25.24
C VAL A 197 1.20 -7.02 26.47
N GLU A 198 2.12 -7.99 26.44
CA GLU A 198 3.09 -8.14 27.51
C GLU A 198 4.26 -7.19 27.31
N LEU A 199 4.83 -7.18 26.12
CA LEU A 199 5.97 -6.34 25.81
C LEU A 199 6.14 -6.26 24.31
N ILE A 200 6.96 -5.31 23.89
CA ILE A 200 7.41 -5.15 22.51
C ILE A 200 8.90 -5.44 22.48
N HIS A 201 9.33 -6.23 21.51
CA HIS A 201 10.76 -6.43 21.27
C HIS A 201 11.11 -6.03 19.86
N PHE A 202 12.08 -5.14 19.72
CA PHE A 202 12.56 -4.68 18.42
C PHE A 202 13.76 -5.51 18.00
N GLU A 203 13.71 -6.04 16.78
CA GLU A 203 14.75 -6.92 16.26
C GLU A 203 15.45 -6.28 15.07
N ARG A 204 16.68 -6.73 14.83
CA ARG A 204 17.52 -6.19 13.76
C ARG A 204 17.77 -4.70 13.96
N VAL A 205 17.84 -4.28 15.23
CA VAL A 205 18.27 -2.94 15.59
C VAL A 205 19.79 -2.98 15.68
N GLN A 206 20.44 -2.59 14.57
CA GLN A 206 21.88 -2.74 14.44
C GLN A 206 22.40 -1.52 13.72
N PHE A 207 23.65 -1.14 14.03
CA PHE A 207 24.25 0.04 13.43
C PHE A 207 24.06 0.03 11.92
N HIS A 208 23.38 1.07 11.43
CA HIS A 208 23.31 1.38 10.00
C HIS A 208 22.37 0.46 9.22
N LEU A 209 21.50 -0.30 9.89
CA LEU A 209 20.45 -1.00 9.17
C LEU A 209 19.34 -0.04 8.81
N LYS A 210 18.67 -0.34 7.70
CA LYS A 210 17.67 0.57 7.16
C LYS A 210 16.31 0.38 7.82
N ASN A 211 16.04 -0.81 8.36
CA ASN A 211 14.74 -1.07 8.97
C ASN A 211 14.92 -2.11 10.06
N PHE A 212 13.87 -2.24 10.88
CA PHE A 212 13.86 -3.18 11.99
C PHE A 212 12.52 -3.89 12.00
N ASP A 213 12.43 -4.93 12.82
CA ASP A 213 11.20 -5.69 12.99
C ASP A 213 10.70 -5.50 14.41
N MSE A 214 9.38 -5.52 14.56
CA MSE A 214 8.75 -5.31 15.84
C MSE A 214 7.97 -6.56 16.23
O MSE A 214 7.14 -7.03 15.46
CB MSE A 214 7.84 -4.09 15.73
CG MSE A 214 7.14 -3.64 16.98
SE MSE A 214 6.10 -2.05 16.48
CE MSE A 214 4.98 -1.93 18.06
H MSE A 214 8.83 -5.64 13.91
HA MSE A 214 9.42 -5.13 16.51
HB2 MSE A 214 8.37 -3.33 15.42
HB3 MSE A 214 7.14 -4.28 15.08
HG2 MSE A 214 6.54 -4.33 17.30
HG3 MSE A 214 7.79 -3.40 17.66
HE1 MSE A 214 4.38 -1.16 17.97
HE2 MSE A 214 4.45 -2.74 18.14
HE3 MSE A 214 5.53 -1.81 18.84
N VAL A 215 8.27 -7.10 17.41
CA VAL A 215 7.62 -8.30 17.93
C VAL A 215 6.66 -7.87 19.03
N ILE A 216 5.39 -8.25 18.88
CA ILE A 216 4.38 -8.01 19.90
C ILE A 216 4.15 -9.31 20.64
N VAL A 217 4.48 -9.33 21.92
CA VAL A 217 4.31 -10.50 22.79
C VAL A 217 3.09 -10.28 23.67
N TYR A 218 2.26 -11.31 23.81
CA TYR A 218 1.02 -11.20 24.54
C TYR A 218 1.15 -11.75 25.96
N LYS A 219 0.33 -11.20 26.87
CA LYS A 219 0.29 -11.70 28.23
C LYS A 219 -0.19 -13.14 28.28
N ASP A 220 -1.07 -13.52 27.37
CA ASP A 220 -1.47 -14.91 27.18
C ASP A 220 -0.36 -15.60 26.38
N TYR A 221 0.46 -16.40 27.07
CA TYR A 221 1.64 -16.97 26.44
C TYR A 221 1.32 -18.12 25.50
N SER A 222 0.09 -18.60 25.49
CA SER A 222 -0.34 -19.57 24.48
C SER A 222 -0.62 -18.91 23.13
N LYS A 223 -0.61 -17.57 23.07
CA LYS A 223 -0.92 -16.84 21.85
C LYS A 223 0.37 -16.52 21.11
N LYS A 224 0.42 -16.86 19.83
CA LYS A 224 1.62 -16.59 19.04
C LYS A 224 1.86 -15.09 18.93
N VAL A 225 3.13 -14.71 18.89
CA VAL A 225 3.48 -13.31 18.78
C VAL A 225 2.98 -12.76 17.44
N THR A 226 2.83 -11.45 17.40
CA THR A 226 2.46 -10.72 16.19
C THR A 226 3.67 -9.94 15.70
N MSE A 227 4.04 -10.15 14.43
CA MSE A 227 5.17 -9.45 13.84
C MSE A 227 4.71 -8.26 13.03
O MSE A 227 3.66 -8.29 12.39
CB MSE A 227 5.96 -10.38 12.91
CG MSE A 227 6.48 -11.63 13.55
SE MSE A 227 7.79 -11.25 14.93
CE MSE A 227 9.01 -10.08 13.91
H MSE A 227 3.65 -10.71 13.91
HA MSE A 227 5.76 -9.15 14.55
HB2 MSE A 227 5.37 -10.65 12.18
HB3 MSE A 227 6.72 -9.89 12.57
HG2 MSE A 227 5.74 -12.11 13.98
HG3 MSE A 227 6.91 -12.18 12.88
HE1 MSE A 227 9.74 -9.79 14.48
HE2 MSE A 227 9.36 -10.58 13.15
HE3 MSE A 227 8.52 -9.30 13.60
N ILE A 228 5.51 -7.19 13.06
CA ILE A 228 5.42 -6.11 12.07
C ILE A 228 6.83 -5.96 11.50
N ASN A 229 7.00 -6.31 10.25
CA ASN A 229 8.33 -6.42 9.66
C ASN A 229 8.71 -5.14 8.90
N ALA A 230 10.01 -4.88 8.85
CA ALA A 230 10.60 -3.93 7.90
C ALA A 230 10.07 -2.52 8.12
N ILE A 231 10.14 -2.07 9.37
CA ILE A 231 9.79 -0.68 9.71
C ILE A 231 11.03 0.19 9.52
N PRO A 232 10.93 1.30 8.78
CA PRO A 232 12.11 2.16 8.61
C PRO A 232 12.65 2.66 9.96
N VAL A 233 13.98 2.72 10.06
CA VAL A 233 14.62 2.95 11.35
C VAL A 233 14.23 4.30 11.94
N ALA A 234 13.96 5.31 11.10
CA ALA A 234 13.61 6.61 11.63
C ALA A 234 12.32 6.58 12.45
N SER A 235 11.54 5.50 12.36
CA SER A 235 10.32 5.37 13.13
C SER A 235 10.55 4.82 14.54
N LEU A 236 11.78 4.39 14.85
CA LEU A 236 12.01 3.67 16.11
C LEU A 236 11.73 4.57 17.31
N ASP A 237 12.30 5.77 17.32
CA ASP A 237 12.07 6.67 18.45
C ASP A 237 10.62 7.11 18.56
N PRO A 238 9.94 7.53 17.48
CA PRO A 238 8.51 7.86 17.62
C PRO A 238 7.67 6.70 18.15
N ILE A 239 7.95 5.48 17.71
CA ILE A 239 7.22 4.33 18.23
C ILE A 239 7.49 4.14 19.71
N LYS A 240 8.76 4.26 20.12
CA LYS A 240 9.09 4.13 21.54
C LYS A 240 8.37 5.18 22.37
N GLU A 241 8.27 6.41 21.86
CA GLU A 241 7.56 7.45 22.60
C GLU A 241 6.09 7.10 22.76
N TRP A 242 5.48 6.58 21.71
CA TRP A 242 4.08 6.16 21.81
C TRP A 242 3.94 5.00 22.79
N LEU A 243 4.79 3.97 22.68
CA LEU A 243 4.75 2.87 23.63
C LEU A 243 4.90 3.38 25.05
N ASN A 244 5.86 4.28 25.27
CA ASN A 244 6.07 4.83 26.61
C ASN A 244 4.79 5.49 27.13
N SER A 245 4.09 6.21 26.26
CA SER A 245 2.85 6.87 26.66
C SER A 245 1.75 5.86 27.00
N CYS A 246 1.83 4.65 26.46
CA CYS A 246 0.89 3.58 26.78
C CYS A 246 1.35 2.70 27.92
N ASP A 247 2.51 2.99 28.52
CA ASP A 247 3.09 2.11 29.54
C ASP A 247 3.27 0.70 29.00
N LEU A 248 3.68 0.60 27.73
CA LEU A 248 4.05 -0.68 27.12
C LEU A 248 5.57 -0.76 27.08
N LYS A 249 6.11 -1.79 27.73
CA LYS A 249 7.56 -1.93 27.87
CA LYS A 249 7.56 -1.93 27.85
C LYS A 249 8.16 -2.48 26.57
N TYR A 250 9.34 -1.97 26.23
CA TYR A 250 10.04 -2.42 25.03
C TYR A 250 11.49 -2.73 25.34
N THR A 251 12.05 -3.59 24.49
CA THR A 251 13.46 -3.96 24.47
C THR A 251 13.91 -4.01 23.02
N GLU A 252 15.22 -4.13 22.81
CA GLU A 252 15.74 -4.19 21.45
C GLU A 252 17.00 -5.03 21.42
N GLY A 253 17.20 -5.71 20.30
CA GLY A 253 18.40 -6.51 20.11
C GLY A 253 18.76 -6.57 18.64
N VAL A 254 19.94 -7.12 18.39
CA VAL A 254 20.44 -7.21 17.02
C VAL A 254 19.82 -8.40 16.28
N GLN A 255 19.68 -9.54 16.95
CA GLN A 255 19.35 -10.77 16.25
C GLN A 255 17.85 -10.99 16.18
N SER A 256 17.44 -11.74 15.16
CA SER A 256 16.08 -12.21 15.01
C SER A 256 15.91 -13.52 15.78
N LEU A 257 14.89 -13.60 16.62
CA LEU A 257 14.66 -14.74 17.47
C LEU A 257 13.54 -15.62 16.92
N ASN A 258 13.58 -16.90 17.29
CA ASN A 258 12.53 -17.85 16.93
C ASN A 258 11.48 -17.81 18.02
N TRP A 259 10.45 -16.99 17.80
CA TRP A 259 9.43 -16.79 18.83
C TRP A 259 8.48 -17.98 18.96
N THR A 260 8.36 -18.82 17.92
CA THR A 260 7.64 -20.07 18.09
C THR A 260 8.29 -20.92 19.17
N LYS A 261 9.62 -21.08 19.10
CA LYS A 261 10.33 -21.83 20.12
C LYS A 261 10.29 -21.13 21.48
N ILE A 262 10.45 -19.81 21.49
CA ILE A 262 10.52 -19.09 22.75
C ILE A 262 9.21 -19.24 23.52
N MSE A 263 8.09 -18.98 22.86
CA MSE A 263 6.76 -19.08 23.47
CA MSE A 263 6.82 -19.04 23.56
C MSE A 263 6.53 -20.48 24.02
O MSE A 263 6.03 -20.67 25.13
CB MSE A 263 5.66 -18.77 22.44
CB MSE A 263 5.69 -18.48 22.68
CG MSE A 263 5.61 -17.33 21.96
CG MSE A 263 5.91 -17.02 22.26
SE MSE A 263 5.20 -16.07 23.37
SE MSE A 263 6.42 -15.79 23.72
CE MSE A 263 7.01 -15.64 23.91
CE MSE A 263 4.86 -16.03 24.86
H MSE A 263 8.07 -18.73 22.04
H MSE A 263 8.04 -18.76 22.03
HA MSE A 263 6.70 -18.44 24.19
HA MSE A 263 6.88 -18.47 24.35
HB2 MSE A 263 5.80 -19.33 21.66
HB2 MSE A 263 5.64 -19.02 21.88
HB3 MSE A 263 4.81 -18.97 22.84
HB3 MSE A 263 4.87 -18.54 23.18
HG2 MSE A 263 6.48 -17.09 21.58
HG2 MSE A 263 6.61 -16.98 21.59
HG3 MSE A 263 4.93 -17.26 21.27
HG3 MSE A 263 5.08 -16.69 21.88
HE1 MSE A 263 6.99 -14.99 24.63
HE1 MSE A 263 4.95 -15.47 25.65
HE2 MSE A 263 7.45 -16.45 24.20
HE2 MSE A 263 4.07 -15.78 24.36
HE3 MSE A 263 7.48 -15.27 23.15
HE3 MSE A 263 4.80 -16.96 25.11
N LYS A 264 6.89 -21.47 23.21
CA LYS A 264 6.73 -22.86 23.64
C LYS A 264 7.58 -23.15 24.87
N THR A 265 8.81 -22.63 24.90
CA THR A 265 9.67 -22.85 26.06
C THR A 265 9.04 -22.27 27.33
N ILE A 266 8.48 -21.06 27.22
CA ILE A 266 7.89 -20.40 28.40
C ILE A 266 6.65 -21.14 28.86
N VAL A 267 5.74 -21.43 27.93
CA VAL A 267 4.51 -22.14 28.27
C VAL A 267 4.83 -23.42 29.03
N ASP A 268 5.80 -24.19 28.52
CA ASP A 268 6.11 -25.48 29.11
C ASP A 268 6.65 -25.38 30.53
N ASP A 269 7.15 -24.21 30.93
CA ASP A 269 7.75 -24.07 32.26
C ASP A 269 7.84 -22.60 32.65
N PRO A 270 6.71 -21.94 32.93
CA PRO A 270 6.79 -20.52 33.29
C PRO A 270 7.52 -20.27 34.59
N GLU A 271 7.42 -21.19 35.56
CA GLU A 271 8.11 -21.00 36.83
C GLU A 271 9.62 -20.96 36.62
N GLY A 272 10.16 -21.96 35.91
CA GLY A 272 11.58 -21.96 35.61
C GLY A 272 12.00 -20.77 34.77
N PHE A 273 11.12 -20.30 33.89
CA PHE A 273 11.45 -19.15 33.06
C PHE A 273 11.68 -17.90 33.89
N PHE A 274 10.75 -17.59 34.80
CA PHE A 274 10.88 -16.41 35.63
C PHE A 274 11.87 -16.61 36.77
N GLU A 275 12.15 -17.87 37.15
CA GLU A 275 13.23 -18.12 38.09
C GLU A 275 14.58 -17.70 37.52
N GLN A 276 14.75 -17.80 36.20
CA GLN A 276 15.97 -17.42 35.52
C GLN A 276 15.97 -15.97 35.08
N GLY A 277 15.16 -15.13 35.70
CA GLY A 277 15.09 -13.73 35.35
C GLY A 277 14.06 -13.39 34.29
N GLY A 278 13.35 -14.38 33.77
CA GLY A 278 12.23 -14.11 32.87
C GLY A 278 12.68 -13.32 31.66
N TRP A 279 11.98 -12.22 31.41
CA TRP A 279 12.21 -11.42 30.21
C TRP A 279 13.49 -10.61 30.24
N SER A 280 14.30 -10.73 31.29
CA SER A 280 15.58 -10.04 31.33
C SER A 280 16.54 -10.54 30.26
N PHE A 281 16.31 -11.73 29.72
CA PHE A 281 17.17 -12.21 28.63
C PHE A 281 17.09 -11.30 27.41
N LEU A 282 16.06 -10.48 27.31
CA LEU A 282 15.94 -9.50 26.22
C LEU A 282 16.63 -8.18 26.55
N GLU A 283 17.06 -7.97 27.78
CA GLU A 283 17.64 -6.71 28.21
C GLU A 283 19.16 -6.74 28.10
N ASP B 6 10.95 0.96 -38.80
CA ASP B 6 9.55 1.30 -39.03
C ASP B 6 8.62 0.17 -38.58
N SER B 7 8.79 -1.00 -39.18
CA SER B 7 7.90 -2.13 -38.97
C SER B 7 8.65 -3.29 -38.30
N LEU B 8 7.87 -4.13 -37.63
CA LEU B 8 8.42 -5.32 -37.01
C LEU B 8 8.95 -6.28 -38.07
N VAL B 9 10.12 -6.84 -37.82
CA VAL B 9 10.74 -7.83 -38.69
C VAL B 9 10.62 -9.19 -38.03
N ILE B 10 10.07 -10.15 -38.75
CA ILE B 10 9.84 -11.49 -38.24
C ILE B 10 10.62 -12.47 -39.11
N ASN B 11 11.35 -13.37 -38.46
CA ASN B 11 11.98 -14.51 -39.14
C ASN B 11 11.09 -15.71 -38.90
N LEU B 12 10.39 -16.15 -39.97
CA LEU B 12 9.32 -17.12 -39.81
C LEU B 12 9.84 -18.48 -39.37
N ASN B 13 11.10 -18.80 -39.65
CA ASN B 13 11.65 -20.12 -39.32
C ASN B 13 12.41 -20.14 -38.00
N ARG B 14 12.65 -18.99 -37.39
CA ARG B 14 13.36 -18.93 -36.12
C ARG B 14 12.46 -19.34 -34.97
N SER B 15 13.06 -19.95 -33.94
CA SER B 15 12.37 -20.24 -32.68
C SER B 15 12.51 -19.01 -31.79
N ASN B 16 11.43 -18.25 -31.66
CA ASN B 16 11.51 -16.97 -30.97
C ASN B 16 11.16 -17.12 -29.49
N PRO B 17 11.85 -16.40 -28.60
CA PRO B 17 11.44 -16.40 -27.18
C PRO B 17 9.97 -16.02 -27.04
N LYS B 18 9.27 -16.71 -26.14
CA LYS B 18 7.83 -16.57 -26.02
C LYS B 18 7.41 -16.68 -24.56
N LEU B 19 6.52 -15.78 -24.15
CA LEU B 19 5.97 -15.77 -22.80
C LEU B 19 4.45 -15.74 -22.91
N LYS B 20 3.78 -16.72 -22.32
CA LYS B 20 2.35 -16.92 -22.47
C LYS B 20 1.58 -16.45 -21.23
N ASP B 21 0.25 -16.41 -21.38
CA ASP B 21 -0.65 -16.13 -20.26
C ASP B 21 -0.43 -14.72 -19.70
N LEU B 22 -0.24 -13.75 -20.58
CA LEU B 22 -0.02 -12.35 -20.17
C LEU B 22 -1.23 -11.50 -20.52
N TYR B 23 -1.68 -10.71 -19.55
CA TYR B 23 -2.60 -9.61 -19.84
C TYR B 23 -1.81 -8.40 -20.32
N ILE B 24 -2.31 -7.75 -21.35
CA ILE B 24 -1.75 -6.48 -21.78
C ILE B 24 -2.46 -5.36 -21.04
N ARG B 25 -1.71 -4.33 -20.67
CA ARG B 25 -2.28 -3.14 -20.09
C ARG B 25 -1.49 -2.00 -20.74
N PRO B 26 -2.16 -0.97 -21.28
CA PRO B 26 -3.61 -0.74 -21.27
C PRO B 26 -4.37 -1.66 -22.24
N ASN B 27 -5.69 -1.61 -22.17
CA ASN B 27 -6.53 -2.53 -22.92
C ASN B 27 -6.46 -2.24 -24.42
N ILE B 28 -6.54 -3.33 -25.20
CA ILE B 28 -6.79 -3.22 -26.63
C ILE B 28 -8.27 -3.03 -26.91
N ALA B 29 -9.12 -3.64 -26.09
CA ALA B 29 -10.55 -3.65 -26.33
C ALA B 29 -11.24 -3.20 -25.05
N GLN B 30 -12.54 -3.46 -24.94
CA GLN B 30 -13.30 -2.99 -23.80
C GLN B 30 -13.03 -3.81 -22.54
N LYS B 31 -12.70 -5.08 -22.70
CA LYS B 31 -12.34 -5.96 -21.59
C LYS B 31 -10.86 -6.29 -21.70
N ARG B 32 -10.24 -6.58 -20.56
CA ARG B 32 -8.85 -7.00 -20.61
C ARG B 32 -8.73 -8.36 -21.27
N MSE B 33 -7.62 -8.57 -21.98
CA MSE B 33 -7.40 -9.79 -22.71
C MSE B 33 -6.01 -10.33 -22.44
O MSE B 33 -5.07 -9.56 -22.28
CB MSE B 33 -7.58 -9.58 -24.21
CG MSE B 33 -8.99 -9.21 -24.62
SE MSE B 33 -9.16 -9.16 -26.57
CE MSE B 33 -7.77 -7.87 -26.96
H MSE B 33 -6.99 -7.99 -22.05
HA MSE B 33 -8.05 -10.46 -22.42
HB2 MSE B 33 -7.00 -8.85 -24.49
HB3 MSE B 33 -7.34 -10.38 -24.68
HG2 MSE B 33 -9.61 -9.87 -24.28
HG3 MSE B 33 -9.21 -8.32 -24.27
HE1 MSE B 33 -7.73 -7.73 -27.92
HE2 MSE B 33 -7.98 -7.03 -26.51
HE3 MSE B 33 -6.93 -8.21 -26.64
N GLN B 34 -5.91 -11.65 -22.38
CA GLN B 34 -4.63 -12.35 -22.30
C GLN B 34 -4.07 -12.60 -23.69
N GLY B 35 -2.79 -12.93 -23.73
CA GLY B 35 -2.13 -13.27 -24.97
C GLY B 35 -0.72 -13.74 -24.73
N SER B 36 0.05 -13.82 -25.81
CA SER B 36 1.43 -14.26 -25.77
C SER B 36 2.33 -13.15 -26.28
N LEU B 37 3.47 -12.97 -25.62
CA LEU B 37 4.49 -12.01 -26.05
C LEU B 37 5.64 -12.78 -26.68
N GLU B 38 5.99 -12.40 -27.90
CA GLU B 38 7.04 -13.05 -28.66
C GLU B 38 8.11 -12.03 -29.05
N ALA B 39 9.38 -12.41 -28.89
CA ALA B 39 10.51 -11.53 -29.17
C ALA B 39 11.07 -11.88 -30.55
N HIS B 40 10.94 -10.95 -31.49
CA HIS B 40 11.30 -11.18 -32.87
C HIS B 40 12.65 -10.52 -33.19
N VAL B 41 12.93 -10.33 -34.47
CA VAL B 41 14.26 -9.88 -34.88
C VAL B 41 14.56 -8.49 -34.34
N ASN B 42 13.58 -7.58 -34.41
CA ASN B 42 13.80 -6.18 -34.05
C ASN B 42 12.73 -5.63 -33.12
N GLY B 43 11.94 -6.49 -32.50
CA GLY B 43 10.92 -6.00 -31.58
C GLY B 43 10.07 -7.14 -31.07
N PHE B 44 9.12 -6.76 -30.20
CA PHE B 44 8.16 -7.68 -29.62
C PHE B 44 6.84 -7.63 -30.38
N ARG B 45 6.16 -8.76 -30.43
CA ARG B 45 4.76 -8.79 -30.83
C ARG B 45 3.94 -9.49 -29.75
N PHE B 46 2.91 -8.81 -29.26
CA PHE B 46 1.91 -9.41 -28.40
C PHE B 46 0.71 -9.78 -29.25
N THR B 47 0.31 -11.05 -29.17
CA THR B 47 -0.88 -11.55 -29.88
CA THR B 47 -0.87 -11.56 -29.88
C THR B 47 -1.91 -11.96 -28.84
N SER B 48 -3.06 -11.29 -28.85
CA SER B 48 -4.13 -11.63 -27.93
C SER B 48 -4.81 -12.93 -28.36
N VAL B 49 -5.54 -13.53 -27.42
CA VAL B 49 -6.31 -14.72 -27.72
C VAL B 49 -7.33 -14.44 -28.82
N ARG B 50 -7.71 -13.17 -29.01
CA ARG B 50 -8.64 -12.78 -30.05
C ARG B 50 -7.98 -12.60 -31.41
N GLY B 51 -6.65 -12.51 -31.46
CA GLY B 51 -5.93 -12.32 -32.71
C GLY B 51 -5.39 -10.92 -32.91
N ASP B 52 -5.59 -10.01 -31.96
CA ASP B 52 -5.01 -8.66 -32.07
C ASP B 52 -3.49 -8.74 -31.95
N LYS B 53 -2.82 -7.87 -32.68
CA LYS B 53 -1.37 -7.81 -32.69
C LYS B 53 -0.90 -6.41 -32.29
N VAL B 54 -0.04 -6.35 -31.27
CA VAL B 54 0.59 -5.12 -30.82
C VAL B 54 2.09 -5.31 -30.94
N ASP B 55 2.74 -4.42 -31.69
CA ASP B 55 4.17 -4.50 -31.94
C ASP B 55 4.88 -3.37 -31.20
N ILE B 56 6.01 -3.71 -30.58
CA ILE B 56 6.89 -2.76 -29.89
C ILE B 56 8.29 -3.04 -30.38
N LEU B 57 8.89 -2.08 -31.08
CA LEU B 57 10.24 -2.25 -31.58
C LEU B 57 11.26 -1.98 -30.48
N TYR B 58 12.36 -2.75 -30.50
CA TYR B 58 13.37 -2.62 -29.46
C TYR B 58 13.93 -1.21 -29.39
N ASN B 59 14.12 -0.56 -30.55
CA ASN B 59 14.71 0.76 -30.57
C ASN B 59 13.72 1.86 -30.19
N ASN B 60 12.47 1.51 -29.90
CA ASN B 60 11.49 2.46 -29.40
C ASN B 60 11.24 2.30 -27.91
N ILE B 61 12.05 1.50 -27.21
CA ILE B 61 11.88 1.27 -25.78
C ILE B 61 12.88 2.14 -25.04
N LYS B 62 12.36 3.09 -24.27
CA LYS B 62 13.21 3.94 -23.45
C LYS B 62 13.67 3.22 -22.20
N HIS B 63 12.74 2.58 -21.47
CA HIS B 63 13.05 1.76 -20.32
C HIS B 63 12.27 0.45 -20.42
N ALA B 64 12.97 -0.66 -20.26
CA ALA B 64 12.36 -1.98 -20.12
C ALA B 64 12.50 -2.39 -18.65
N LEU B 65 11.37 -2.61 -17.98
CA LEU B 65 11.35 -2.90 -16.56
C LEU B 65 10.82 -4.30 -16.31
N PHE B 66 11.42 -4.98 -15.34
CA PHE B 66 10.94 -6.27 -14.85
C PHE B 66 10.59 -6.11 -13.38
N GLN B 67 9.31 -6.23 -13.04
CA GLN B 67 8.84 -6.18 -11.67
C GLN B 67 8.52 -7.60 -11.22
N PRO B 68 9.36 -8.26 -10.42
CA PRO B 68 9.00 -9.59 -9.92
C PRO B 68 7.86 -9.50 -8.92
N CYS B 69 7.22 -10.64 -8.68
CA CYS B 69 6.07 -10.69 -7.78
C CYS B 69 6.46 -10.68 -6.31
N ASP B 70 7.75 -10.53 -5.98
CA ASP B 70 8.16 -10.44 -4.59
C ASP B 70 7.46 -9.26 -3.92
N GLY B 71 6.71 -9.55 -2.86
CA GLY B 71 5.93 -8.54 -2.18
C GLY B 71 4.78 -7.97 -2.98
N GLU B 72 4.47 -8.55 -4.13
CA GLU B 72 3.43 -8.05 -5.02
C GLU B 72 2.44 -9.17 -5.29
N MSE B 73 1.34 -8.81 -5.95
CA MSE B 73 0.35 -9.79 -6.36
C MSE B 73 0.38 -10.04 -7.88
O MSE B 73 -0.39 -10.84 -8.40
CB MSE B 73 -1.06 -9.36 -5.94
CG MSE B 73 -1.28 -9.31 -4.43
SE MSE B 73 -0.95 -11.00 -3.51
CE MSE B 73 -2.41 -12.07 -4.25
H MSE B 73 1.14 -8.01 -6.17
HA MSE B 73 0.54 -10.64 -5.92
HB2 MSE B 73 -1.23 -8.47 -6.30
HB3 MSE B 73 -1.70 -9.99 -6.31
HG2 MSE B 73 -0.67 -8.64 -4.05
HG3 MSE B 73 -2.20 -9.04 -4.26
HE1 MSE B 73 -2.36 -12.96 -3.87
HE2 MSE B 73 -3.25 -11.66 -4.03
HE3 MSE B 73 -2.30 -12.12 -5.21
N ILE B 74 1.27 -9.34 -8.59
CA ILE B 74 1.48 -9.54 -10.01
C ILE B 74 2.96 -9.51 -10.34
N ILE B 75 3.29 -10.05 -11.50
CA ILE B 75 4.63 -10.02 -12.08
C ILE B 75 4.51 -9.35 -13.44
N VAL B 76 5.41 -8.41 -13.74
CA VAL B 76 5.19 -7.45 -14.82
C VAL B 76 6.45 -7.26 -15.66
N LEU B 77 6.24 -7.19 -16.97
CA LEU B 77 7.22 -6.62 -17.90
C LEU B 77 6.63 -5.31 -18.42
N HIS B 78 7.33 -4.21 -18.18
CA HIS B 78 6.82 -2.88 -18.50
C HIS B 78 7.76 -2.17 -19.47
N PHE B 79 7.18 -1.64 -20.54
CA PHE B 79 7.95 -0.91 -21.55
C PHE B 79 7.50 0.54 -21.57
N HIS B 80 8.40 1.42 -21.16
CA HIS B 80 8.25 2.86 -21.31
C HIS B 80 8.86 3.25 -22.65
N LEU B 81 8.07 3.87 -23.51
CA LEU B 81 8.42 4.01 -24.92
C LEU B 81 9.02 5.38 -25.21
N LYS B 82 9.90 5.42 -26.22
CA LYS B 82 10.39 6.71 -26.72
C LYS B 82 9.30 7.46 -27.45
N ASN B 83 8.60 6.80 -28.37
CA ASN B 83 7.49 7.38 -29.10
C ASN B 83 6.23 6.57 -28.82
N ALA B 84 5.14 7.25 -28.52
CA ALA B 84 3.88 6.57 -28.25
C ALA B 84 3.43 5.77 -29.46
N ILE B 85 2.81 4.62 -29.19
CA ILE B 85 2.25 3.77 -30.23
C ILE B 85 0.73 3.78 -30.10
N MSE B 86 0.07 3.43 -31.19
CA MSE B 86 -1.39 3.47 -31.25
CA MSE B 86 -1.39 3.47 -31.24
C MSE B 86 -2.02 2.08 -31.27
O MSE B 86 -1.73 1.27 -32.15
CB MSE B 86 -1.85 4.26 -32.48
CB MSE B 86 -1.86 4.29 -32.44
CG MSE B 86 -3.36 4.43 -32.61
CG MSE B 86 -3.33 4.74 -32.36
SE MSE B 86 -3.96 6.25 -32.27
SE MSE B 86 -4.64 3.35 -32.71
CE MSE B 86 -3.15 7.13 -33.80
CE MSE B 86 -4.38 3.14 -34.63
H MSE B 86 0.43 3.15 -31.92
H MSE B 86 0.43 3.15 -31.92
HA MSE B 86 -1.71 3.95 -30.46
HA MSE B 86 -1.71 3.93 -30.43
HB2 MSE B 86 -1.45 5.15 -32.44
HB2 MSE B 86 -1.32 5.08 -32.52
HB3 MSE B 86 -1.52 3.81 -33.28
HB3 MSE B 86 -1.78 3.74 -33.24
HG2 MSE B 86 -3.63 4.19 -33.51
HG2 MSE B 86 -3.49 5.09 -31.47
HG3 MSE B 86 -3.79 3.84 -31.96
HG3 MSE B 86 -3.46 5.45 -33.01
HE1 MSE B 86 -3.36 8.08 -33.77
HE1 MSE B 86 -4.98 2.46 -34.96
HE2 MSE B 86 -2.18 7.01 -33.76
HE2 MSE B 86 -4.56 3.98 -35.07
HE3 MSE B 86 -3.49 6.73 -34.61
HE3 MSE B 86 -3.46 2.88 -34.79
N PHE B 87 -2.88 1.82 -30.30
CA PHE B 87 -3.75 0.65 -30.31
C PHE B 87 -4.93 0.97 -29.39
N GLY B 88 -6.01 0.23 -29.57
CA GLY B 88 -7.24 0.58 -28.89
C GLY B 88 -7.73 1.98 -29.24
N LYS B 89 -7.32 2.51 -30.40
CA LYS B 89 -7.70 3.85 -30.85
C LYS B 89 -7.18 4.93 -29.89
N LYS B 90 -6.03 4.69 -29.27
CA LYS B 90 -5.43 5.68 -28.38
C LYS B 90 -3.90 5.56 -28.48
N ARG B 91 -3.22 6.63 -28.11
CA ARG B 91 -1.76 6.68 -28.13
C ARG B 91 -1.23 6.37 -26.73
N HIS B 92 -0.23 5.50 -26.66
CA HIS B 92 0.27 4.97 -25.39
C HIS B 92 1.78 5.10 -25.34
N THR B 93 2.28 5.77 -24.30
CA THR B 93 3.70 5.84 -24.04
C THR B 93 4.18 4.70 -23.16
N ASP B 94 3.27 3.97 -22.53
CA ASP B 94 3.61 2.86 -21.65
C ASP B 94 2.74 1.66 -22.01
N VAL B 95 3.37 0.50 -22.11
CA VAL B 95 2.69 -0.75 -22.39
C VAL B 95 3.34 -1.82 -21.53
N GLN B 96 2.53 -2.65 -20.89
CA GLN B 96 3.05 -3.66 -19.98
C GLN B 96 2.29 -4.96 -20.16
N PHE B 97 2.88 -6.03 -19.63
CA PHE B 97 2.34 -7.36 -19.72
C PHE B 97 2.54 -8.02 -18.37
N TYR B 98 1.47 -8.58 -17.81
CA TYR B 98 1.52 -9.06 -16.44
C TYR B 98 0.73 -10.35 -16.31
N THR B 99 1.12 -11.13 -15.29
CA THR B 99 0.39 -12.29 -14.87
C THR B 99 0.06 -12.15 -13.39
N GLU B 100 -1.14 -12.53 -13.01
CA GLU B 100 -1.57 -12.49 -11.62
C GLU B 100 -1.16 -13.78 -10.92
N VAL B 101 -0.51 -13.65 -9.78
CA VAL B 101 -0.09 -14.82 -9.01
C VAL B 101 -1.33 -15.56 -8.52
N ALA B 122 -5.05 -23.32 5.14
CA ALA B 122 -4.31 -22.65 4.08
C ALA B 122 -3.73 -23.67 3.10
N GLU B 123 -3.45 -23.22 1.88
CA GLU B 123 -2.83 -24.05 0.86
C GLU B 123 -1.91 -23.14 0.05
N GLN B 124 -0.63 -23.13 0.41
CA GLN B 124 0.32 -22.19 -0.18
C GLN B 124 1.00 -22.78 -1.42
N MSE B 125 0.15 -23.18 -2.36
CA MSE B 125 0.61 -23.42 -3.73
C MSE B 125 1.08 -22.08 -4.29
O MSE B 125 1.88 -22.03 -5.22
CB MSE B 125 -0.52 -24.00 -4.59
CG MSE B 125 -0.92 -25.42 -4.24
SE MSE B 125 -0.10 -26.75 -5.42
CE MSE B 125 1.50 -27.15 -4.38
H MSE B 125 -0.68 -23.32 -2.25
HA MSE B 125 1.34 -24.05 -3.72
HB2 MSE B 125 -1.30 -23.44 -4.50
HB3 MSE B 125 -0.22 -23.99 -5.52
HG2 MSE B 125 -0.64 -25.62 -3.33
HG3 MSE B 125 -1.88 -25.51 -4.33
HE1 MSE B 125 1.24 -27.50 -3.51
HE2 MSE B 125 2.03 -27.82 -4.85
HE3 MSE B 125 2.02 -26.34 -4.26
N GLU B 126 0.54 -21.00 -3.72
CA GLU B 126 0.95 -19.66 -4.11
C GLU B 126 2.46 -19.48 -4.07
N ARG B 127 3.14 -20.17 -3.15
CA ARG B 127 4.60 -20.11 -3.12
C ARG B 127 5.20 -20.64 -4.42
N GLU B 128 4.73 -21.81 -4.86
CA GLU B 128 5.32 -22.45 -6.04
C GLU B 128 4.96 -21.72 -7.31
N MSE B 129 3.79 -21.09 -7.36
CA MSE B 129 3.38 -20.32 -8.53
C MSE B 129 4.32 -19.13 -8.74
O MSE B 129 4.69 -18.81 -9.86
CB MSE B 129 1.93 -19.85 -8.40
CG MSE B 129 1.42 -19.02 -9.57
SE MSE B 129 1.38 -20.01 -11.26
CE MSE B 129 -0.55 -20.06 -11.54
H MSE B 129 3.20 -21.10 -6.73
HA MSE B 129 3.43 -20.90 -9.31
HB2 MSE B 129 1.36 -20.62 -8.30
HB3 MSE B 129 1.87 -19.30 -7.60
HG2 MSE B 129 0.51 -18.74 -9.38
HG3 MSE B 129 1.99 -18.25 -9.69
HE1 MSE B 129 -0.74 -20.53 -12.37
HE2 MSE B 129 -0.97 -20.51 -10.80
HE3 MSE B 129 -0.88 -19.15 -11.60
N ARG B 130 4.68 -18.48 -7.63
CA ARG B 130 5.57 -17.32 -7.71
C ARG B 130 6.94 -17.73 -8.24
N HIS B 131 7.45 -18.89 -7.81
CA HIS B 131 8.76 -19.34 -8.26
C HIS B 131 8.73 -19.73 -9.74
N LYS B 132 7.66 -20.40 -10.18
CA LYS B 132 7.54 -20.77 -11.58
C LYS B 132 7.39 -19.53 -12.45
N LEU B 133 6.66 -18.53 -11.98
CA LEU B 133 6.49 -17.29 -12.76
C LEU B 133 7.80 -16.56 -12.90
N LYS B 134 8.49 -16.30 -11.78
CA LYS B 134 9.77 -15.61 -11.85
C LYS B 134 10.75 -16.34 -12.75
N THR B 135 10.79 -17.67 -12.65
CA THR B 135 11.70 -18.44 -13.49
C THR B 135 11.36 -18.25 -14.98
N ALA B 136 10.08 -18.30 -15.33
CA ALA B 136 9.69 -18.12 -16.72
C ALA B 136 10.05 -16.72 -17.21
N PHE B 137 9.76 -15.69 -16.42
CA PHE B 137 10.05 -14.33 -16.84
C PHE B 137 11.54 -14.10 -17.00
N LYS B 138 12.34 -14.55 -16.03
CA LYS B 138 13.78 -14.36 -16.12
C LYS B 138 14.37 -15.10 -17.30
N ASN B 139 13.91 -16.33 -17.57
CA ASN B 139 14.39 -17.07 -18.73
C ASN B 139 14.06 -16.33 -20.01
N PHE B 140 12.83 -15.81 -20.12
CA PHE B 140 12.46 -15.00 -21.27
C PHE B 140 13.40 -13.80 -21.40
N ILE B 141 13.62 -13.09 -20.30
CA ILE B 141 14.46 -11.90 -20.33
C ILE B 141 15.87 -12.25 -20.81
N GLU B 142 16.45 -13.33 -20.27
CA GLU B 142 17.78 -13.74 -20.70
CA GLU B 142 17.78 -13.73 -20.70
C GLU B 142 17.82 -13.98 -22.21
N LYS B 143 16.81 -14.66 -22.74
CA LYS B 143 16.79 -14.96 -24.17
C LYS B 143 16.64 -13.68 -24.99
N VAL B 144 15.81 -12.74 -24.53
CA VAL B 144 15.65 -11.48 -25.25
C VAL B 144 16.96 -10.70 -25.24
N GLU B 145 17.58 -10.58 -24.06
CA GLU B 145 18.79 -9.77 -23.96
C GLU B 145 19.93 -10.35 -24.79
N ALA B 146 19.91 -11.65 -25.04
CA ALA B 146 20.90 -12.26 -25.93
C ALA B 146 20.70 -11.83 -27.39
N LEU B 147 19.49 -11.41 -27.76
CA LEU B 147 19.28 -10.77 -29.06
C LEU B 147 19.58 -9.28 -28.99
N THR B 148 19.12 -8.61 -27.93
CA THR B 148 19.17 -7.16 -27.88
C THR B 148 20.52 -6.63 -27.42
N LYS B 149 21.20 -7.37 -26.54
CA LYS B 149 22.52 -6.99 -26.05
C LYS B 149 22.56 -5.51 -25.68
N GLU B 150 23.24 -4.67 -26.47
CA GLU B 150 23.35 -3.26 -26.12
CA GLU B 150 23.35 -3.26 -26.12
C GLU B 150 22.02 -2.53 -26.25
N GLU B 151 21.21 -2.89 -27.26
CA GLU B 151 19.99 -2.15 -27.54
C GLU B 151 19.00 -2.19 -26.38
N LEU B 152 18.95 -3.28 -25.61
CA LEU B 152 17.90 -3.40 -24.61
C LEU B 152 18.37 -4.22 -23.41
N GLU B 153 18.13 -3.67 -22.22
CA GLU B 153 18.47 -4.33 -20.97
C GLU B 153 17.32 -4.08 -19.99
N PHE B 154 16.80 -5.14 -19.39
CA PHE B 154 15.71 -5.01 -18.43
C PHE B 154 16.26 -4.54 -17.10
N GLU B 155 15.61 -3.55 -16.51
CA GLU B 155 16.00 -3.00 -15.22
C GLU B 155 15.04 -3.52 -14.15
N VAL B 156 15.60 -4.06 -13.08
CA VAL B 156 14.83 -4.58 -11.95
C VAL B 156 14.88 -3.53 -10.84
N PRO B 157 13.74 -3.16 -10.25
CA PRO B 157 13.77 -2.11 -9.23
C PRO B 157 14.50 -2.55 -7.97
N PHE B 158 15.03 -1.56 -7.25
CA PHE B 158 15.74 -1.77 -5.99
C PHE B 158 14.71 -1.65 -4.87
N ARG B 159 14.14 -2.79 -4.47
CA ARG B 159 13.02 -2.74 -3.54
C ARG B 159 13.43 -2.20 -2.18
N ASP B 160 14.68 -2.44 -1.77
CA ASP B 160 15.13 -1.93 -0.48
C ASP B 160 15.21 -0.41 -0.45
N LEU B 161 15.20 0.24 -1.61
CA LEU B 161 15.22 1.71 -1.69
C LEU B 161 13.84 2.28 -1.99
N GLY B 162 12.81 1.44 -2.01
CA GLY B 162 11.48 1.93 -2.30
C GLY B 162 10.92 2.78 -1.18
N PHE B 163 9.88 3.55 -1.53
CA PHE B 163 9.19 4.37 -0.56
C PHE B 163 7.75 4.58 -1.02
N ASN B 164 6.88 4.86 -0.07
CA ASN B 164 5.47 5.05 -0.34
C ASN B 164 5.19 6.52 -0.67
N GLY B 165 4.30 6.73 -1.64
CA GLY B 165 3.90 8.08 -2.00
C GLY B 165 2.73 8.01 -2.95
N ALA B 166 2.11 9.17 -3.19
CA ALA B 166 0.93 9.26 -4.04
C ALA B 166 1.20 10.25 -5.18
N PRO B 167 1.63 9.76 -6.35
CA PRO B 167 1.83 10.69 -7.48
C PRO B 167 0.53 11.07 -8.15
N TYR B 168 -0.48 10.21 -8.04
CA TYR B 168 -1.80 10.51 -8.59
C TYR B 168 -2.79 10.67 -7.44
N ARG B 169 -3.64 9.68 -7.18
CA ARG B 169 -4.62 9.82 -6.10
C ARG B 169 -4.28 8.99 -4.87
N SER B 170 -3.91 7.73 -5.03
CA SER B 170 -3.72 6.83 -3.91
C SER B 170 -2.25 6.51 -3.70
N THR B 171 -1.95 6.08 -2.48
CA THR B 171 -0.58 5.72 -2.14
C THR B 171 -0.16 4.46 -2.87
N CYS B 172 1.09 4.42 -3.32
CA CYS B 172 1.67 3.24 -3.94
C CYS B 172 3.14 3.18 -3.56
N LEU B 173 3.81 2.12 -3.98
CA LEU B 173 5.24 1.95 -3.75
C LEU B 173 6.02 2.49 -4.95
N LEU B 174 6.90 3.45 -4.71
CA LEU B 174 7.82 3.95 -5.72
C LEU B 174 9.18 3.32 -5.49
N GLN B 175 9.82 2.85 -6.57
CA GLN B 175 11.12 2.18 -6.47
C GLN B 175 12.09 2.76 -7.49
N PRO B 176 13.31 3.08 -7.10
CA PRO B 176 14.33 3.40 -8.09
C PRO B 176 14.81 2.17 -8.84
N THR B 177 15.16 2.39 -10.10
CA THR B 177 15.99 1.47 -10.89
C THR B 177 17.30 2.20 -11.19
N SER B 178 18.16 1.57 -11.99
CA SER B 178 19.42 2.22 -12.33
C SER B 178 19.20 3.50 -13.11
N SER B 179 18.10 3.59 -13.87
CA SER B 179 17.85 4.70 -14.78
C SER B 179 16.58 5.47 -14.49
N ALA B 180 15.70 5.00 -13.61
CA ALA B 180 14.38 5.58 -13.48
C ALA B 180 13.88 5.46 -12.05
N LEU B 181 12.77 6.17 -11.78
CA LEU B 181 11.96 5.99 -10.59
C LEU B 181 10.59 5.53 -11.06
N VAL B 182 10.13 4.38 -10.57
CA VAL B 182 9.02 3.70 -11.23
C VAL B 182 7.98 3.15 -10.25
N ASN B 183 6.76 3.01 -10.77
CA ASN B 183 5.77 2.09 -10.25
C ASN B 183 5.08 1.48 -11.47
N ALA B 184 5.13 0.16 -11.60
CA ALA B 184 4.52 -0.56 -12.70
C ALA B 184 3.38 -1.46 -12.28
N THR B 185 3.08 -1.55 -10.98
CA THR B 185 2.00 -2.43 -10.52
C THR B 185 0.64 -1.75 -10.56
N GLU B 186 0.59 -0.43 -10.43
CA GLU B 186 -0.66 0.31 -10.49
C GLU B 186 -0.81 0.96 -11.86
N TRP B 187 -2.04 1.27 -12.22
CA TRP B 187 -2.32 1.89 -13.52
C TRP B 187 -3.19 3.12 -13.29
N PRO B 188 -2.82 4.29 -13.86
CA PRO B 188 -1.67 4.51 -14.74
C PRO B 188 -0.33 4.32 -14.04
N PRO B 189 0.71 4.02 -14.82
CA PRO B 189 2.02 3.77 -14.24
C PRO B 189 2.73 5.07 -13.92
N PHE B 190 3.89 4.94 -13.28
CA PHE B 190 4.74 6.06 -12.93
C PHE B 190 6.15 5.76 -13.40
N VAL B 191 6.70 6.60 -14.27
CA VAL B 191 8.06 6.43 -14.77
C VAL B 191 8.70 7.81 -14.92
N VAL B 192 9.76 8.07 -14.17
CA VAL B 192 10.57 9.27 -14.29
C VAL B 192 11.97 8.86 -14.68
N THR B 193 12.50 9.44 -15.75
CA THR B 193 13.86 9.15 -16.20
C THR B 193 14.82 10.06 -15.43
N LEU B 194 15.75 9.45 -14.69
CA LEU B 194 16.57 10.21 -13.75
C LEU B 194 17.46 11.24 -14.46
N ASP B 195 17.97 10.91 -15.65
CA ASP B 195 18.83 11.83 -16.37
CA ASP B 195 18.85 11.85 -16.32
C ASP B 195 18.11 13.06 -16.90
N GLU B 196 16.77 13.06 -16.87
CA GLU B 196 16.00 14.21 -17.33
C GLU B 196 15.63 15.15 -16.19
N VAL B 197 16.02 14.83 -14.95
CA VAL B 197 15.63 15.60 -13.78
C VAL B 197 16.63 16.73 -13.56
N GLU B 198 16.12 17.95 -13.34
CA GLU B 198 16.96 19.08 -12.98
C GLU B 198 17.28 19.04 -11.48
N LEU B 199 16.26 18.91 -10.64
CA LEU B 199 16.44 18.92 -9.20
C LEU B 199 15.18 18.36 -8.55
N ILE B 200 15.32 18.02 -7.27
CA ILE B 200 14.23 17.59 -6.41
C ILE B 200 14.05 18.65 -5.34
N HIS B 201 12.81 19.03 -5.07
CA HIS B 201 12.51 19.93 -3.95
C HIS B 201 11.51 19.26 -3.03
N PHE B 202 11.87 19.15 -1.75
CA PHE B 202 10.98 18.60 -0.73
C PHE B 202 10.20 19.73 -0.06
N GLU B 203 8.89 19.53 0.08
CA GLU B 203 8.00 20.54 0.66
C GLU B 203 7.27 19.99 1.87
N ARG B 204 6.75 20.91 2.68
CA ARG B 204 6.04 20.56 3.92
C ARG B 204 6.95 19.79 4.88
N VAL B 205 8.26 20.01 4.76
CA VAL B 205 9.22 19.36 5.65
C VAL B 205 9.28 20.17 6.93
N GLN B 206 8.63 19.67 7.98
CA GLN B 206 8.75 20.26 9.31
C GLN B 206 8.28 19.24 10.34
N PHE B 207 8.93 19.29 11.51
CA PHE B 207 8.65 18.36 12.61
C PHE B 207 7.17 18.05 12.78
N HIS B 208 6.31 19.08 12.78
CA HIS B 208 4.91 18.87 13.11
C HIS B 208 4.17 18.01 12.09
N LEU B 209 4.73 17.83 10.90
CA LEU B 209 4.10 17.05 9.85
C LEU B 209 4.77 15.68 9.75
N LYS B 210 3.95 14.64 9.64
CA LYS B 210 4.45 13.27 9.58
C LYS B 210 4.62 12.78 8.14
N ASN B 211 4.40 13.64 7.16
CA ASN B 211 4.65 13.30 5.77
C ASN B 211 5.02 14.57 5.02
N PHE B 212 5.70 14.40 3.89
CA PHE B 212 6.15 15.52 3.08
C PHE B 212 5.82 15.24 1.62
N ASP B 213 6.00 16.24 0.79
CA ASP B 213 5.80 16.12 -0.65
C ASP B 213 7.12 16.29 -1.37
N MSE B 214 7.26 15.59 -2.49
CA MSE B 214 8.45 15.63 -3.31
C MSE B 214 8.13 16.20 -4.70
O MSE B 214 7.23 15.73 -5.37
CB MSE B 214 9.01 14.21 -3.41
CG MSE B 214 10.26 14.02 -4.20
SE MSE B 214 10.75 12.12 -4.00
CE MSE B 214 12.20 12.08 -5.31
H MSE B 214 6.64 15.07 -2.81
HA MSE B 214 9.12 16.19 -2.88
HB2 MSE B 214 9.19 13.90 -2.51
HB3 MSE B 214 8.33 13.64 -3.81
HG2 MSE B 214 10.10 14.21 -5.13
HG3 MSE B 214 10.97 14.57 -3.83
HE1 MSE B 214 12.56 11.18 -5.34
HE2 MSE B 214 11.84 12.33 -6.17
HE3 MSE B 214 12.88 12.71 -5.04
N VAL B 215 8.86 17.25 -5.09
CA VAL B 215 8.67 17.92 -6.37
C VAL B 215 9.83 17.55 -7.28
N ILE B 216 9.53 17.01 -8.45
CA ILE B 216 10.52 16.65 -9.46
C ILE B 216 10.48 17.70 -10.55
N VAL B 217 11.56 18.47 -10.69
CA VAL B 217 11.68 19.49 -11.72
C VAL B 217 12.53 18.95 -12.86
N TYR B 218 12.07 19.15 -14.09
CA TYR B 218 12.75 18.62 -15.26
C TYR B 218 13.65 19.66 -15.91
N LYS B 219 14.69 19.17 -16.59
CA LYS B 219 15.58 20.05 -17.33
C LYS B 219 14.83 20.80 -18.42
N ASP B 220 13.78 20.19 -18.96
CA ASP B 220 12.88 20.87 -19.88
C ASP B 220 11.90 21.68 -19.05
N TYR B 221 12.14 22.99 -18.95
CA TYR B 221 11.35 23.83 -18.07
C TYR B 221 9.92 24.04 -18.55
N SER B 222 9.59 23.61 -19.77
CA SER B 222 8.21 23.64 -20.24
C SER B 222 7.44 22.40 -19.84
N LYS B 223 8.09 21.43 -19.23
CA LYS B 223 7.43 20.24 -18.72
C LYS B 223 6.91 20.51 -17.31
N LYS B 224 5.63 20.22 -17.09
CA LYS B 224 5.04 20.33 -15.77
C LYS B 224 5.83 19.50 -14.76
N VAL B 225 5.99 20.03 -13.54
CA VAL B 225 6.69 19.28 -12.51
C VAL B 225 5.88 18.03 -12.15
N THR B 226 6.58 17.03 -11.64
CA THR B 226 5.96 15.80 -11.17
C THR B 226 5.96 15.81 -9.65
N MSE B 227 4.76 15.68 -9.07
CA MSE B 227 4.57 15.63 -7.63
C MSE B 227 4.46 14.20 -7.14
O MSE B 227 3.81 13.36 -7.78
CB MSE B 227 3.28 16.37 -7.24
CG MSE B 227 3.22 17.79 -7.66
SE MSE B 227 4.60 18.82 -6.77
CE MSE B 227 4.17 18.37 -4.89
H MSE B 227 4.03 15.61 -9.52
HA MSE B 227 5.32 16.07 -7.19
HB2 MSE B 227 2.53 15.91 -7.65
HB3 MSE B 227 3.19 16.34 -6.28
HG2 MSE B 227 3.37 17.86 -8.61
HG3 MSE B 227 2.36 18.17 -7.42
HE1 MSE B 227 4.79 18.82 -4.32
HE2 MSE B 227 3.26 18.66 -4.70
HE3 MSE B 227 4.24 17.41 -4.78
N ILE B 228 5.09 13.92 -6.01
CA ILE B 228 4.80 12.72 -5.23
C ILE B 228 4.36 13.20 -3.85
N ASN B 229 3.09 13.03 -3.55
CA ASN B 229 2.52 13.59 -2.33
C ASN B 229 2.53 12.58 -1.19
N ALA B 230 2.61 13.12 0.03
CA ALA B 230 2.29 12.36 1.24
C ALA B 230 3.25 11.19 1.44
N ILE B 231 4.53 11.45 1.29
CA ILE B 231 5.56 10.46 1.62
C ILE B 231 5.79 10.48 3.12
N PRO B 232 5.81 9.32 3.80
CA PRO B 232 6.06 9.32 5.24
C PRO B 232 7.43 9.92 5.57
N VAL B 233 7.49 10.66 6.68
CA VAL B 233 8.72 11.38 7.02
C VAL B 233 9.87 10.41 7.26
N ALA B 234 9.58 9.20 7.72
CA ALA B 234 10.65 8.23 7.96
C ALA B 234 11.43 7.87 6.70
N SER B 235 10.92 8.19 5.51
CA SER B 235 11.62 7.88 4.27
C SER B 235 12.44 9.06 3.74
N LEU B 236 12.44 10.21 4.44
CA LEU B 236 13.13 11.37 3.91
C LEU B 236 14.62 11.14 3.79
N ASP B 237 15.26 10.67 4.87
CA ASP B 237 16.71 10.46 4.84
C ASP B 237 17.07 9.34 3.86
N PRO B 238 16.33 8.23 3.83
CA PRO B 238 16.59 7.21 2.80
C PRO B 238 16.50 7.74 1.37
N ILE B 239 15.50 8.57 1.07
CA ILE B 239 15.41 9.14 -0.27
C ILE B 239 16.62 10.03 -0.54
N LYS B 240 17.01 10.84 0.44
CA LYS B 240 18.17 11.70 0.27
C LYS B 240 19.43 10.89 0.01
N GLU B 241 19.58 9.76 0.73
CA GLU B 241 20.73 8.89 0.49
C GLU B 241 20.74 8.37 -0.93
N TRP B 242 19.57 7.98 -1.44
CA TRP B 242 19.50 7.50 -2.81
C TRP B 242 19.85 8.61 -3.79
N LEU B 243 19.26 9.81 -3.60
CA LEU B 243 19.57 10.93 -4.46
C LEU B 243 21.05 11.27 -4.42
N ASN B 244 21.65 11.24 -3.22
CA ASN B 244 23.09 11.50 -3.11
C ASN B 244 23.88 10.51 -3.94
N SER B 245 23.45 9.25 -3.99
CA SER B 245 24.17 8.24 -4.75
C SER B 245 24.02 8.42 -6.25
N CYS B 246 22.98 9.14 -6.68
CA CYS B 246 22.74 9.47 -8.08
C CYS B 246 23.33 10.80 -8.50
N ASP B 247 23.86 11.59 -7.57
CA ASP B 247 24.27 12.96 -7.85
C ASP B 247 23.07 13.81 -8.30
N LEU B 248 21.90 13.53 -7.75
CA LEU B 248 20.71 14.34 -7.98
C LEU B 248 20.60 15.39 -6.88
N LYS B 249 20.56 16.65 -7.27
CA LYS B 249 20.49 17.75 -6.32
CA LYS B 249 20.50 17.74 -6.31
C LYS B 249 19.10 17.86 -5.72
N TYR B 250 19.05 18.14 -4.42
CA TYR B 250 17.77 18.37 -3.75
C TYR B 250 17.88 19.56 -2.82
N THR B 251 16.73 20.18 -2.59
CA THR B 251 16.54 21.25 -1.63
C THR B 251 15.29 20.93 -0.83
N GLU B 252 15.03 21.72 0.21
CA GLU B 252 13.85 21.49 1.01
C GLU B 252 13.40 22.81 1.63
N GLY B 253 12.09 22.90 1.86
CA GLY B 253 11.51 24.04 2.54
C GLY B 253 10.25 23.63 3.25
N VAL B 254 9.66 24.58 3.97
CA VAL B 254 8.46 24.31 4.73
C VAL B 254 7.20 24.56 3.91
N GLN B 255 7.22 25.54 3.02
CA GLN B 255 6.02 25.97 2.33
CA GLN B 255 6.02 25.98 2.31
C GLN B 255 5.82 25.20 1.02
N SER B 256 4.55 25.03 0.65
CA SER B 256 4.19 24.44 -0.63
C SER B 256 4.13 25.55 -1.67
N LEU B 257 4.91 25.39 -2.73
CA LEU B 257 5.04 26.43 -3.74
C LEU B 257 4.10 26.15 -4.91
N ASN B 258 3.72 27.23 -5.61
CA ASN B 258 2.88 27.12 -6.80
C ASN B 258 3.80 26.88 -7.99
N TRP B 259 3.98 25.61 -8.35
CA TRP B 259 4.92 25.27 -9.41
C TRP B 259 4.38 25.57 -10.80
N THR B 260 3.07 25.69 -10.97
CA THR B 260 2.55 26.19 -12.25
C THR B 260 3.06 27.60 -12.52
N LYS B 261 2.99 28.47 -11.51
CA LYS B 261 3.43 29.86 -11.70
C LYS B 261 4.94 29.96 -11.79
N ILE B 262 5.66 29.18 -10.97
CA ILE B 262 7.13 29.23 -11.00
C ILE B 262 7.65 28.88 -12.38
N MSE B 263 7.21 27.74 -12.92
CA MSE B 263 7.73 27.27 -14.20
C MSE B 263 7.30 28.20 -15.34
O MSE B 263 8.08 28.44 -16.27
CB MSE B 263 7.27 25.84 -14.47
CG MSE B 263 7.71 24.82 -13.41
SE MSE B 263 9.61 24.88 -12.90
CE MSE B 263 10.39 24.56 -14.66
H MSE B 263 6.60 27.25 -12.57
HA MSE B 263 8.69 27.27 -14.15
HB2 MSE B 263 6.30 25.83 -14.51
HB3 MSE B 263 7.63 25.55 -15.32
HG2 MSE B 263 7.18 24.98 -12.61
HG3 MSE B 263 7.51 23.93 -13.75
HE1 MSE B 263 11.35 24.56 -14.58
HE2 MSE B 263 10.08 23.71 -14.99
HE3 MSE B 263 10.11 25.28 -15.26
N LYS B 264 6.08 28.73 -15.26
CA LYS B 264 5.64 29.70 -16.26
C LYS B 264 6.55 30.93 -16.26
N THR B 265 6.88 31.43 -15.06
CA THR B 265 7.78 32.57 -14.95
C THR B 265 9.14 32.26 -15.59
N ILE B 266 9.67 31.06 -15.34
CA ILE B 266 10.99 30.73 -15.84
C ILE B 266 10.98 30.61 -17.36
N VAL B 267 10.01 29.87 -17.91
CA VAL B 267 9.91 29.72 -19.35
C VAL B 267 9.80 31.08 -20.03
N ASP B 268 9.06 32.01 -19.42
CA ASP B 268 8.83 33.31 -20.02
C ASP B 268 10.13 34.12 -20.14
N ASP B 269 11.15 33.81 -19.35
CA ASP B 269 12.39 34.56 -19.43
C ASP B 269 13.52 33.82 -18.71
N PRO B 270 14.02 32.72 -19.27
CA PRO B 270 15.10 31.98 -18.58
C PRO B 270 16.32 32.83 -18.33
N GLU B 271 16.66 33.76 -19.23
CA GLU B 271 17.81 34.62 -19.00
C GLU B 271 17.66 35.41 -17.72
N GLY B 272 16.53 36.10 -17.55
CA GLY B 272 16.29 36.85 -16.33
C GLY B 272 16.24 35.98 -15.09
N PHE B 273 15.72 34.75 -15.22
CA PHE B 273 15.68 33.84 -14.09
C PHE B 273 17.06 33.61 -13.50
N PHE B 274 18.02 33.23 -14.36
CA PHE B 274 19.36 32.93 -13.86
C PHE B 274 20.15 34.20 -13.55
N GLU B 275 19.91 35.29 -14.27
CA GLU B 275 20.55 36.55 -13.95
C GLU B 275 20.17 37.03 -12.57
N GLN B 276 19.01 36.62 -12.06
CA GLN B 276 18.49 37.06 -10.78
C GLN B 276 18.65 36.00 -9.69
N GLY B 277 19.58 35.07 -9.84
CA GLY B 277 19.91 34.10 -8.82
C GLY B 277 19.57 32.67 -9.16
N GLY B 278 18.71 32.44 -10.15
CA GLY B 278 18.41 31.07 -10.56
C GLY B 278 17.66 30.31 -9.48
N TRP B 279 18.07 29.05 -9.27
CA TRP B 279 17.42 28.17 -8.32
C TRP B 279 17.83 28.45 -6.87
N SER B 280 18.57 29.52 -6.62
CA SER B 280 19.01 29.80 -5.26
C SER B 280 17.85 30.22 -4.36
N PHE B 281 16.69 30.56 -4.93
CA PHE B 281 15.54 30.89 -4.10
C PHE B 281 15.04 29.68 -3.33
N LEU B 282 15.42 28.47 -3.73
CA LEU B 282 15.05 27.27 -3.00
C LEU B 282 15.98 26.96 -1.84
N GLU B 283 17.06 27.72 -1.68
CA GLU B 283 18.03 27.48 -0.61
C GLU B 283 17.88 28.51 0.49
C FMT C . -3.90 -9.18 14.47
O1 FMT C . -4.83 -8.86 13.73
O2 FMT C . -2.75 -9.36 14.05
H FMT C . -4.11 -9.31 15.53
C FMT D . 23.12 -11.77 11.44
O1 FMT D . 23.20 -12.21 10.30
O2 FMT D . 23.99 -11.05 11.93
H FMT D . 22.25 -11.99 12.06
HO2 FMT D . 24.78 -10.82 11.40
C FMT E . 8.08 -6.97 30.46
O1 FMT E . 9.22 -6.77 30.87
O2 FMT E . 7.28 -7.67 31.08
H FMT E . 7.74 -6.52 29.52
HO2 FMT E . 7.55 -8.09 31.92
C FMT F . 10.19 -23.05 13.68
O1 FMT F . 10.41 -23.26 14.87
O2 FMT F . 9.30 -22.29 13.32
H FMT F . 10.78 -23.55 12.91
HO2 FMT F . 8.75 -21.82 13.98
C FMT G . -24.65 -15.95 6.47
O1 FMT G . -25.37 -15.29 7.22
O2 FMT G . -23.87 -15.41 5.68
H FMT G . -24.67 -17.04 6.50
HO2 FMT G . -23.82 -14.44 5.63
C FMT H . 11.79 -6.99 29.03
O1 FMT H . 11.11 -6.00 28.76
O2 FMT H . 12.58 -7.00 29.96
H FMT H . 11.70 -7.90 28.42
HO2 FMT H . 12.69 -6.21 30.52
C FMT I . -28.15 -16.43 3.70
O1 FMT I . -28.81 -16.96 4.58
O2 FMT I . -27.00 -16.01 3.90
H FMT I . -28.56 -16.30 2.69
HO2 FMT I . -26.61 -16.11 4.79
C FMT J . -8.37 1.80 26.79
O1 FMT J . -8.85 2.89 26.49
O2 FMT J . -7.53 1.68 27.68
H FMT J . -8.69 0.89 26.28
HO2 FMT J . -7.22 2.47 28.16
C FMT K . -11.42 -2.02 -1.50
O1 FMT K . -11.64 -3.07 -2.10
O2 FMT K . -11.57 -0.92 -2.04
H FMT K . -11.07 -2.02 -0.46
HO2 FMT K . -11.88 -0.88 -2.96
C FMT L . -24.68 -13.76 12.03
O1 FMT L . -25.85 -13.45 11.80
O2 FMT L . -24.35 -14.27 13.10
H FMT L . -23.94 -13.57 11.26
C FMT M . 18.19 -10.91 22.35
O1 FMT M . 18.66 -10.25 23.28
O2 FMT M . 18.52 -10.71 21.18
H FMT M . 17.49 -11.73 22.55
C FMT N . -1.96 -0.86 27.62
O1 FMT N . -2.48 -1.22 28.68
O2 FMT N . -1.83 0.32 27.33
H FMT N . -1.63 -1.64 26.93
C FMT O . 20.04 25.50 -6.33
O1 FMT O . 19.24 25.57 -5.40
O2 FMT O . 21.23 25.79 -6.18
H FMT O . 19.71 25.18 -7.32
HO2 FMT O . 21.55 26.09 -5.31
C FMT P . 14.07 11.21 7.89
O1 FMT P . 13.22 11.61 8.70
O2 FMT P . 14.12 10.03 7.52
H FMT P . 14.80 11.91 7.48
HO2 FMT P . 13.48 9.38 7.87
C FMT Q . -2.06 -17.45 -23.56
O1 FMT Q . -2.97 -16.72 -23.97
O2 FMT Q . -0.88 -17.22 -23.81
H FMT Q . -2.30 -18.33 -22.96
HO2 FMT Q . -0.63 -16.45 -24.35
C FMT R . 15.93 -17.52 -28.60
O1 FMT R . 16.13 -16.88 -29.63
O2 FMT R . 16.86 -17.84 -27.86
H FMT R . 14.92 -17.81 -28.30
HO2 FMT R . 17.78 -17.59 -28.09
C FMT S . 18.49 -7.81 -16.03
O1 FMT S . 17.43 -8.31 -15.66
O2 FMT S . 18.71 -7.56 -17.22
H FMT S . 19.27 -7.55 -15.31
HO2 FMT S . 18.04 -7.77 -17.89
C FMT T . 16.10 -10.47 -13.55
O1 FMT T . 16.26 -10.57 -14.76
O2 FMT T . 17.04 -10.24 -12.78
H FMT T . 15.11 -10.59 -13.11
HO2 FMT T . 17.94 -10.13 -13.14
C FMT U . -0.40 7.97 -23.15
O1 FMT U . 0.56 7.45 -22.56
O2 FMT U . -1.54 7.83 -22.74
H FMT U . -0.25 8.57 -24.04
HO2 FMT U . -1.71 7.30 -21.92
C FMT V . -4.99 6.75 -9.26
O1 FMT V . -4.47 6.50 -10.34
O2 FMT V . -4.41 6.50 -8.19
H FMT V . -5.98 7.19 -9.20
HO2 FMT V . -3.51 6.11 -8.21
C FMT W . 11.40 27.39 -0.69
O1 FMT W . 10.64 27.52 0.28
O2 FMT W . 11.84 28.37 -1.27
H FMT W . 11.67 26.41 -1.06
HO2 FMT W . 11.60 29.28 -0.99
C FMT X . 15.38 17.89 7.09
O1 FMT X . 16.32 18.57 7.49
O2 FMT X . 14.28 17.90 7.64
H FMT X . 15.49 17.24 6.22
HO2 FMT X . 14.12 18.47 8.43
C FMT Y . 5.16 9.78 -14.86
O1 FMT Y . 4.91 8.67 -15.36
O2 FMT Y . 4.32 10.43 -14.24
H FMT Y . 6.15 10.22 -14.97
HO2 FMT Y . 3.41 10.07 -14.12
C ACT Z . 1.17 -1.70 -33.04
O ACT Z . 0.59 -1.57 -31.94
OXT ACT Z . 2.03 -0.83 -33.30
CH3 ACT Z . 0.86 -2.82 -33.99
H1 ACT Z . 1.47 -2.73 -34.88
H2 ACT Z . 1.06 -3.78 -33.50
H3 ACT Z . -0.19 -2.77 -34.27
C ACT AA . -6.73 0.19 -19.13
O ACT AA . -6.36 -0.94 -18.78
OXT ACT AA . -6.82 0.40 -20.36
CH3 ACT AA . -7.05 1.27 -18.14
H1 ACT AA . -7.35 2.18 -18.65
H2 ACT AA . -6.17 1.47 -17.53
H3 ACT AA . -7.87 0.93 -17.49
C ACT BA . 24.09 14.34 -19.24
O ACT BA . 23.56 15.46 -19.07
OXT ACT BA . 23.52 13.37 -18.71
CH3 ACT BA . 25.36 14.17 -20.02
H1 ACT BA . 25.70 15.14 -20.39
H2 ACT BA . 25.18 13.50 -20.87
H3 ACT BA . 26.14 13.74 -19.39
C ACT CA . 20.43 23.54 -9.67
O ACT CA . 19.74 23.04 -8.76
OXT ACT CA . 21.08 24.56 -9.37
CH3 ACT CA . 20.48 22.93 -11.04
H1 ACT CA . 21.14 23.53 -11.68
H2 ACT CA . 19.47 22.93 -11.47
H3 ACT CA . 20.86 21.91 -10.98
C ACT DA . -11.85 -15.00 -29.24
O ACT DA . -12.28 -16.17 -29.27
OXT ACT DA . -12.02 -14.32 -30.26
CH3 ACT DA . -11.15 -14.45 -28.03
H1 ACT DA . -10.85 -13.41 -28.23
H2 ACT DA . -11.82 -14.47 -27.17
H3 ACT DA . -10.26 -15.04 -27.81
C FMT EA . -4.30 -6.49 -11.91
O1 FMT EA . -3.68 -6.00 -10.98
O2 FMT EA . -5.06 -5.82 -12.61
H FMT EA . -4.19 -7.55 -12.17
C FMT FA . 0.11 6.16 -19.20
O1 FMT FA . -0.18 6.91 -18.27
O2 FMT FA . 1.21 6.22 -19.76
H FMT FA . -0.64 5.44 -19.53
#